data_5J9G
#
_entry.id   5J9G
#
_cell.length_a   114.990
_cell.length_b   114.990
_cell.length_c   113.300
_cell.angle_alpha   90.00
_cell.angle_beta   90.00
_cell.angle_gamma   90.00
#
_symmetry.space_group_name_H-M   'P 41 21 2'
#
loop_
_entity.id
_entity.type
_entity.pdbx_description
1 polymer 'Glyceraldehyde-3-p dehydrogenase'
2 water water
#
_entity_poly.entity_id   1
_entity_poly.type   'polypeptide(L)'
_entity_poly.pdbx_seq_one_letter_code
;MTVKIGINGFGRIGRLAFRRIMDLGEKSKDIEVVAINDLTTPALLAHLLKYDSTHGTFDHEVSSTEDSIVVDGKKYRVYA
EPQAQNIPWVKNDGVDFVLECTGFYTSKAKSQAHLDAGVKRVLISAPAGNDLKTIVYSVNQDTLTADDKIVSAGSCTTNS
LAPMVNALQKEFGIEVGTMTTIHAYTSTQMILDGPVRGGNLRAARAAAINIIPHSTGAAKAIGLVIPELNGKLNGHAQRV
PVPDGSVTELVSILGKNVTADEVNEAMKKYESPSFEYEPNNVVSSDILGRTAGSIFDPTQTMVTTAGDKQLVKTVAWYDN
EYSFTCQMVRTLLHFATL
;
_entity_poly.pdbx_strand_id   A,B
#
# COMPACT_ATOMS: atom_id res chain seq x y z
N MET A 1 -23.01 -22.53 -13.74
CA MET A 1 -23.99 -21.43 -13.45
C MET A 1 -23.29 -20.16 -12.93
N THR A 2 -22.38 -19.58 -13.73
CA THR A 2 -21.72 -18.34 -13.35
C THR A 2 -22.44 -17.12 -13.90
N VAL A 3 -22.58 -16.11 -13.04
CA VAL A 3 -22.94 -14.75 -13.42
C VAL A 3 -21.77 -14.15 -14.20
N LYS A 4 -22.02 -13.76 -15.45
CA LYS A 4 -20.97 -13.29 -16.32
C LYS A 4 -21.10 -11.79 -16.51
N ILE A 5 -20.01 -11.07 -16.30
CA ILE A 5 -20.00 -9.61 -16.22
C ILE A 5 -19.22 -9.03 -17.38
N GLY A 6 -19.80 -8.01 -18.00
CA GLY A 6 -19.11 -7.17 -18.97
C GLY A 6 -18.87 -5.83 -18.29
N ILE A 7 -17.66 -5.29 -18.43
CA ILE A 7 -17.29 -4.00 -17.84
C ILE A 7 -17.17 -2.97 -18.97
N ASN A 8 -17.99 -1.93 -18.90
CA ASN A 8 -17.93 -0.85 -19.89
C ASN A 8 -17.19 0.31 -19.23
N GLY A 9 -15.97 0.54 -19.69
CA GLY A 9 -15.08 1.53 -19.08
C GLY A 9 -14.16 0.88 -18.07
N PHE A 10 -12.88 0.70 -18.45
CA PHE A 10 -11.89 0.03 -17.58
C PHE A 10 -11.04 1.10 -16.90
N GLY A 11 -11.75 1.97 -16.19
CA GLY A 11 -11.13 3.04 -15.39
C GLY A 11 -10.81 2.46 -14.03
N ARG A 12 -10.54 3.33 -13.07
CA ARG A 12 -10.06 2.87 -11.79
C ARG A 12 -11.01 1.87 -11.13
N ILE A 13 -12.30 2.17 -11.18
CA ILE A 13 -13.34 1.37 -10.59
C ILE A 13 -13.56 0.07 -11.33
N GLY A 14 -13.61 0.16 -12.67
CA GLY A 14 -13.72 -1.03 -13.51
C GLY A 14 -12.61 -2.06 -13.27
N ARG A 15 -11.37 -1.58 -13.25
CA ARG A 15 -10.21 -2.42 -12.94
C ARG A 15 -10.30 -3.01 -11.54
N LEU A 16 -10.67 -2.21 -10.57
CA LEU A 16 -10.79 -2.79 -9.20
C LEU A 16 -11.94 -3.79 -9.11
N ALA A 17 -13.01 -3.57 -9.88
CA ALA A 17 -14.09 -4.55 -9.95
C ALA A 17 -13.60 -5.85 -10.58
N PHE A 18 -12.78 -5.73 -11.62
CA PHE A 18 -12.11 -6.90 -12.20
C PHE A 18 -11.31 -7.64 -11.12
N ARG A 19 -10.51 -6.92 -10.34
CA ARG A 19 -9.72 -7.55 -9.26
C ARG A 19 -10.59 -8.22 -8.23
N ARG A 20 -11.60 -7.50 -7.77
CA ARG A 20 -12.54 -8.01 -6.79
C ARG A 20 -13.27 -9.28 -7.27
N ILE A 21 -13.75 -9.26 -8.50
CA ILE A 21 -14.45 -10.41 -9.07
C ILE A 21 -13.53 -11.62 -9.20
N MET A 22 -12.30 -11.41 -9.65
CA MET A 22 -11.33 -12.49 -9.67
C MET A 22 -11.04 -13.06 -8.26
N ASP A 23 -10.86 -12.19 -7.27
CA ASP A 23 -10.68 -12.65 -5.89
C ASP A 23 -11.88 -13.49 -5.38
N LEU A 24 -13.11 -13.04 -5.64
CA LEU A 24 -14.31 -13.81 -5.24
C LEU A 24 -14.47 -15.12 -6.01
N GLY A 25 -14.03 -15.13 -7.27
CA GLY A 25 -14.01 -16.33 -8.10
C GLY A 25 -13.06 -17.38 -7.55
N GLU A 26 -11.94 -16.93 -6.99
CA GLU A 26 -11.00 -17.79 -6.27
C GLU A 26 -11.60 -18.39 -4.99
N LYS A 27 -12.45 -17.63 -4.30
CA LYS A 27 -13.15 -18.11 -3.10
C LYS A 27 -14.49 -18.81 -3.41
N SER A 28 -14.60 -19.33 -4.61
CA SER A 28 -15.74 -20.07 -5.07
C SER A 28 -17.07 -19.42 -5.34
N LYS A 29 -17.14 -18.11 -5.35
CA LYS A 29 -18.39 -17.46 -5.68
C LYS A 29 -18.62 -17.71 -7.17
N ASP A 30 -19.86 -17.81 -7.62
CA ASP A 30 -20.13 -18.10 -9.04
C ASP A 30 -20.26 -16.83 -9.91
N ILE A 31 -19.15 -16.10 -10.09
CA ILE A 31 -19.14 -14.87 -10.87
C ILE A 31 -17.77 -14.68 -11.55
N GLU A 32 -17.80 -14.15 -12.77
CA GLU A 32 -16.58 -13.91 -13.54
C GLU A 32 -16.79 -12.72 -14.49
N VAL A 33 -15.72 -11.99 -14.77
CA VAL A 33 -15.67 -11.04 -15.87
C VAL A 33 -15.34 -11.82 -17.13
N VAL A 34 -16.11 -11.61 -18.19
CA VAL A 34 -15.86 -12.26 -19.47
C VAL A 34 -15.37 -11.32 -20.56
N ALA A 35 -15.65 -10.02 -20.44
CA ALA A 35 -15.27 -9.08 -21.48
C ALA A 35 -15.30 -7.65 -20.95
N ILE A 36 -14.55 -6.80 -21.63
CA ILE A 36 -14.38 -5.40 -21.32
C ILE A 36 -14.64 -4.63 -22.59
N ASN A 37 -15.14 -3.41 -22.45
CA ASN A 37 -15.22 -2.48 -23.53
C ASN A 37 -14.60 -1.16 -23.13
N ASP A 38 -13.61 -0.74 -23.90
CA ASP A 38 -12.81 0.44 -23.57
C ASP A 38 -12.01 0.86 -24.81
N LEU A 39 -11.86 2.16 -24.99
CA LEU A 39 -11.18 2.70 -26.16
C LEU A 39 -9.65 2.77 -26.01
N THR A 40 -9.11 2.55 -24.81
CA THR A 40 -7.68 2.55 -24.58
C THR A 40 -7.00 1.26 -25.09
N THR A 41 -5.80 1.37 -25.63
CA THR A 41 -4.92 0.23 -25.94
C THR A 41 -4.87 -0.84 -24.84
N PRO A 42 -5.14 -2.11 -25.18
CA PRO A 42 -5.13 -3.20 -24.16
C PRO A 42 -3.84 -3.34 -23.35
N ALA A 43 -2.69 -3.14 -23.99
CA ALA A 43 -1.40 -3.14 -23.30
C ALA A 43 -1.36 -2.15 -22.13
N LEU A 44 -1.90 -0.95 -22.35
CA LEU A 44 -1.93 0.08 -21.30
C LEU A 44 -2.90 -0.33 -20.20
N LEU A 45 -4.09 -0.84 -20.61
CA LEU A 45 -5.04 -1.36 -19.66
C LEU A 45 -4.51 -2.53 -18.80
N ALA A 46 -3.79 -3.44 -19.42
CA ALA A 46 -3.17 -4.57 -18.74
C ALA A 46 -2.19 -4.08 -17.68
N HIS A 47 -1.36 -3.11 -18.08
CA HIS A 47 -0.35 -2.56 -17.18
C HIS A 47 -0.99 -1.90 -15.95
N LEU A 48 -2.07 -1.15 -16.18
CA LEU A 48 -2.81 -0.50 -15.07
C LEU A 48 -3.61 -1.49 -14.22
N LEU A 49 -4.03 -2.62 -14.80
CA LEU A 49 -4.60 -3.71 -14.01
C LEU A 49 -3.57 -4.31 -13.08
N LYS A 50 -2.37 -4.54 -13.61
CA LYS A 50 -1.26 -5.18 -12.89
C LYS A 50 -0.70 -4.27 -11.78
N TYR A 51 -0.42 -3.00 -12.11
CA TYR A 51 0.26 -2.09 -11.16
C TYR A 51 -0.67 -0.98 -10.79
N ASP A 52 -0.91 -0.81 -9.48
CA ASP A 52 -1.68 0.30 -8.97
C ASP A 52 -0.93 0.94 -7.81
N SER A 53 -0.81 2.25 -7.87
CA SER A 53 -0.06 2.99 -6.86
C SER A 53 -0.71 2.98 -5.49
N THR A 54 -2.03 2.85 -5.46
CA THR A 54 -2.82 2.77 -4.22
C THR A 54 -3.11 1.33 -3.78
N HIS A 55 -3.47 0.44 -4.71
CA HIS A 55 -3.99 -0.87 -4.31
C HIS A 55 -3.03 -2.00 -4.44
N GLY A 56 -1.78 -1.68 -4.78
CA GLY A 56 -0.73 -2.66 -4.92
C GLY A 56 -0.79 -3.42 -6.25
N THR A 57 0.17 -4.28 -6.39
CA THR A 57 0.35 -5.12 -7.55
C THR A 57 -0.60 -6.32 -7.50
N PHE A 58 -1.30 -6.55 -8.61
CA PHE A 58 -2.21 -7.68 -8.75
C PHE A 58 -1.38 -8.95 -8.76
N ASP A 59 -1.66 -9.89 -7.86
CA ASP A 59 -0.80 -11.12 -7.73
C ASP A 59 -1.17 -12.20 -8.77
N HIS A 60 -1.05 -11.86 -10.05
CA HIS A 60 -1.40 -12.76 -11.18
C HIS A 60 -0.49 -12.35 -12.31
N GLU A 61 -0.20 -13.27 -13.24
CA GLU A 61 0.51 -12.86 -14.48
C GLU A 61 -0.46 -12.09 -15.37
N VAL A 62 -0.04 -10.91 -15.82
CA VAL A 62 -0.87 -10.03 -16.64
C VAL A 62 -0.08 -9.64 -17.88
N SER A 63 -0.67 -9.85 -19.06
CA SER A 63 -0.10 -9.38 -20.32
C SER A 63 -1.27 -9.04 -21.23
N SER A 64 -0.99 -8.83 -22.52
CA SER A 64 -2.00 -8.42 -23.48
C SER A 64 -1.69 -8.90 -24.86
N THR A 65 -2.73 -8.92 -25.69
CA THR A 65 -2.61 -9.09 -27.12
C THR A 65 -3.13 -7.78 -27.75
N GLU A 66 -3.25 -7.78 -29.08
CA GLU A 66 -3.87 -6.68 -29.81
C GLU A 66 -5.28 -6.32 -29.34
N ASP A 67 -6.06 -7.30 -28.90
CA ASP A 67 -7.47 -7.08 -28.60
C ASP A 67 -7.93 -7.67 -27.27
N SER A 68 -6.98 -8.06 -26.41
CA SER A 68 -7.31 -8.68 -25.14
C SER A 68 -6.30 -8.37 -24.06
N ILE A 69 -6.76 -8.50 -22.82
CA ILE A 69 -5.93 -8.61 -21.64
C ILE A 69 -5.90 -10.09 -21.32
N VAL A 70 -4.74 -10.56 -20.88
CA VAL A 70 -4.49 -11.94 -20.51
C VAL A 70 -4.13 -11.98 -19.03
N VAL A 71 -4.84 -12.79 -18.28
CA VAL A 71 -4.58 -12.96 -16.87
C VAL A 71 -4.48 -14.44 -16.60
N ASP A 72 -3.28 -14.86 -16.17
CA ASP A 72 -2.97 -16.26 -15.86
C ASP A 72 -3.34 -17.18 -17.03
N GLY A 73 -2.98 -16.74 -18.24
CA GLY A 73 -3.21 -17.47 -19.46
C GLY A 73 -4.62 -17.43 -20.01
N LYS A 74 -5.54 -16.75 -19.33
CA LYS A 74 -6.93 -16.64 -19.81
C LYS A 74 -7.14 -15.27 -20.47
N LYS A 75 -7.74 -15.30 -21.64
CA LYS A 75 -8.05 -14.11 -22.44
C LYS A 75 -9.35 -13.42 -21.98
N TYR A 76 -9.28 -12.10 -21.84
CA TYR A 76 -10.42 -11.25 -21.64
C TYR A 76 -10.47 -10.24 -22.79
N ARG A 77 -11.48 -10.40 -23.65
CA ARG A 77 -11.64 -9.57 -24.83
C ARG A 77 -11.87 -8.11 -24.45
N VAL A 78 -11.10 -7.22 -25.10
CA VAL A 78 -11.32 -5.78 -24.99
C VAL A 78 -11.91 -5.27 -26.30
N TYR A 79 -13.22 -4.99 -26.30
CA TYR A 79 -13.87 -4.33 -27.42
C TYR A 79 -13.61 -2.84 -27.32
N ALA A 80 -13.84 -2.13 -28.42
CA ALA A 80 -13.57 -0.68 -28.49
C ALA A 80 -14.73 0.04 -29.21
N GLU A 81 -15.94 -0.13 -28.69
CA GLU A 81 -17.16 0.42 -29.31
C GLU A 81 -17.63 1.64 -28.55
N PRO A 82 -17.60 2.84 -29.18
CA PRO A 82 -18.14 4.02 -28.49
C PRO A 82 -19.64 3.94 -28.18
N GLN A 83 -20.38 3.08 -28.88
CA GLN A 83 -21.82 2.89 -28.66
C GLN A 83 -22.17 1.50 -28.17
N ALA A 84 -22.79 1.47 -27.00
CA ALA A 84 -23.00 0.24 -26.24
C ALA A 84 -23.80 -0.83 -26.97
N GLN A 85 -24.76 -0.41 -27.80
CA GLN A 85 -25.60 -1.36 -28.54
C GLN A 85 -24.83 -2.13 -29.59
N ASN A 86 -23.64 -1.66 -29.96
CA ASN A 86 -22.74 -2.36 -30.90
C ASN A 86 -21.72 -3.35 -30.28
N ILE A 87 -21.67 -3.43 -28.93
CA ILE A 87 -20.75 -4.35 -28.27
C ILE A 87 -21.39 -5.74 -28.38
N PRO A 88 -20.65 -6.73 -28.97
CA PRO A 88 -21.18 -8.07 -29.21
C PRO A 88 -20.90 -9.10 -28.08
N TRP A 89 -20.64 -8.59 -26.89
CA TRP A 89 -20.25 -9.45 -25.77
C TRP A 89 -21.32 -10.41 -25.25
N VAL A 90 -22.59 -10.19 -25.60
CA VAL A 90 -23.62 -11.13 -25.16
C VAL A 90 -23.47 -12.44 -25.96
N LYS A 91 -23.45 -12.34 -27.29
CA LYS A 91 -23.36 -13.55 -28.14
C LYS A 91 -21.96 -14.17 -28.15
N ASN A 92 -20.91 -13.34 -28.10
CA ASN A 92 -19.52 -13.82 -28.15
C ASN A 92 -18.98 -14.34 -26.83
N ASP A 93 -19.36 -13.67 -25.75
CA ASP A 93 -18.79 -13.95 -24.43
C ASP A 93 -19.78 -14.39 -23.35
N GLY A 94 -21.09 -14.38 -23.63
CA GLY A 94 -22.09 -14.74 -22.62
C GLY A 94 -22.37 -13.73 -21.49
N VAL A 95 -22.08 -12.43 -21.71
CA VAL A 95 -22.35 -11.37 -20.72
C VAL A 95 -23.82 -11.40 -20.31
N ASP A 96 -24.05 -11.46 -18.98
CA ASP A 96 -25.37 -11.37 -18.38
C ASP A 96 -25.63 -9.90 -17.97
N PHE A 97 -24.74 -9.37 -17.12
CA PHE A 97 -24.88 -8.03 -16.54
C PHE A 97 -23.69 -7.17 -16.91
N VAL A 98 -23.95 -5.87 -17.06
CA VAL A 98 -22.89 -4.89 -17.37
C VAL A 98 -22.65 -3.96 -16.19
N LEU A 99 -21.38 -3.79 -15.85
CA LEU A 99 -20.96 -2.74 -14.94
C LEU A 99 -20.59 -1.55 -15.79
N GLU A 100 -21.37 -0.48 -15.65
CA GLU A 100 -21.29 0.67 -16.55
C GLU A 100 -20.52 1.78 -15.84
N CYS A 101 -19.27 1.97 -16.26
CA CYS A 101 -18.33 2.84 -15.56
C CYS A 101 -17.83 4.03 -16.41
N THR A 102 -18.38 4.26 -17.61
CA THR A 102 -17.78 5.23 -18.54
C THR A 102 -18.06 6.71 -18.27
N GLY A 103 -19.08 7.02 -17.46
CA GLY A 103 -19.60 8.39 -17.33
C GLY A 103 -20.53 8.87 -18.47
N PHE A 104 -20.48 8.24 -19.65
CA PHE A 104 -21.27 8.65 -20.84
C PHE A 104 -22.71 8.07 -20.83
N TYR A 105 -22.98 7.16 -19.89
CA TYR A 105 -24.23 6.40 -19.86
C TYR A 105 -24.92 6.50 -18.50
N THR A 106 -24.86 7.69 -17.90
CA THR A 106 -25.34 7.88 -16.53
C THR A 106 -26.83 8.32 -16.49
N SER A 107 -27.70 7.67 -17.26
CA SER A 107 -29.15 7.83 -17.09
C SER A 107 -29.86 6.56 -17.52
N LYS A 108 -31.11 6.41 -17.08
CA LYS A 108 -31.95 5.29 -17.46
C LYS A 108 -32.01 5.20 -18.99
N ALA A 109 -32.29 6.33 -19.65
CA ALA A 109 -32.43 6.36 -21.12
C ALA A 109 -31.15 5.99 -21.88
N LYS A 110 -30.00 6.48 -21.44
CA LYS A 110 -28.76 6.21 -22.18
C LYS A 110 -28.32 4.73 -22.08
N SER A 111 -28.32 4.18 -20.86
CA SER A 111 -27.87 2.81 -20.62
C SER A 111 -28.78 1.73 -21.21
N GLN A 112 -29.97 2.11 -21.67
CA GLN A 112 -30.83 1.16 -22.38
C GLN A 112 -30.19 0.62 -23.65
N ALA A 113 -29.22 1.35 -24.21
CA ALA A 113 -28.38 0.84 -25.31
C ALA A 113 -27.77 -0.55 -25.06
N HIS A 114 -27.36 -0.84 -23.81
CA HIS A 114 -26.86 -2.17 -23.45
C HIS A 114 -27.92 -3.24 -23.61
N LEU A 115 -29.14 -2.91 -23.19
CA LEU A 115 -30.29 -3.79 -23.32
C LEU A 115 -30.57 -4.10 -24.78
N ASP A 116 -30.34 -3.14 -25.69
CA ASP A 116 -30.42 -3.39 -27.15
C ASP A 116 -29.39 -4.40 -27.66
N ALA A 117 -28.25 -4.51 -26.96
CA ALA A 117 -27.22 -5.51 -27.26
C ALA A 117 -27.49 -6.88 -26.63
N GLY A 118 -28.66 -7.07 -25.99
CA GLY A 118 -28.99 -8.32 -25.31
C GLY A 118 -28.51 -8.46 -23.87
N VAL A 119 -28.09 -7.36 -23.25
CA VAL A 119 -27.71 -7.38 -21.81
C VAL A 119 -28.97 -7.45 -20.91
N LYS A 120 -28.92 -8.31 -19.88
CA LYS A 120 -30.07 -8.50 -18.98
C LYS A 120 -30.28 -7.32 -18.02
N ARG A 121 -29.18 -6.84 -17.43
CA ARG A 121 -29.24 -5.73 -16.48
C ARG A 121 -27.95 -4.93 -16.48
N VAL A 122 -28.07 -3.66 -16.13
CA VAL A 122 -26.96 -2.74 -16.06
C VAL A 122 -26.92 -2.13 -14.66
N LEU A 123 -25.73 -2.15 -14.08
CA LEU A 123 -25.46 -1.41 -12.85
C LEU A 123 -24.53 -0.26 -13.18
N ILE A 124 -25.03 0.96 -13.02
CA ILE A 124 -24.27 2.18 -13.28
C ILE A 124 -23.47 2.53 -12.04
N SER A 125 -22.16 2.74 -12.19
CA SER A 125 -21.29 3.08 -11.08
C SER A 125 -21.29 4.58 -10.71
N ALA A 126 -22.47 5.19 -10.62
CA ALA A 126 -22.61 6.60 -10.34
C ALA A 126 -24.10 6.91 -10.11
N PRO A 127 -24.42 8.02 -9.40
CA PRO A 127 -25.82 8.47 -9.32
C PRO A 127 -26.35 8.73 -10.71
N ALA A 128 -27.59 8.30 -10.97
CA ALA A 128 -28.13 8.34 -12.33
C ALA A 128 -29.57 8.77 -12.38
N GLY A 129 -29.97 9.75 -11.55
CA GLY A 129 -31.30 10.36 -11.61
C GLY A 129 -32.28 9.63 -10.72
N ASN A 130 -33.58 9.85 -10.91
CA ASN A 130 -34.56 9.27 -10.01
C ASN A 130 -35.72 8.53 -10.67
N ASP A 131 -35.57 8.19 -11.95
CA ASP A 131 -36.52 7.33 -12.66
C ASP A 131 -36.02 5.86 -12.70
N LEU A 132 -34.96 5.57 -11.93
CA LEU A 132 -34.48 4.22 -11.68
C LEU A 132 -34.11 4.12 -10.21
N LYS A 133 -33.89 2.92 -9.72
CA LYS A 133 -33.55 2.71 -8.31
C LYS A 133 -32.06 2.92 -8.06
N THR A 134 -31.78 3.55 -6.93
CA THR A 134 -30.45 3.70 -6.42
C THR A 134 -30.31 2.70 -5.27
N ILE A 135 -29.38 1.76 -5.43
CA ILE A 135 -29.22 0.63 -4.50
C ILE A 135 -27.90 0.76 -3.74
N VAL A 136 -27.99 0.74 -2.42
CA VAL A 136 -26.86 0.59 -1.53
C VAL A 136 -27.05 -0.78 -0.91
N TYR A 137 -26.21 -1.73 -1.30
CA TYR A 137 -26.26 -3.08 -0.76
C TYR A 137 -26.12 -3.08 0.77
N SER A 138 -26.95 -3.94 1.39
CA SER A 138 -27.24 -4.02 2.84
C SER A 138 -28.34 -3.05 3.33
N VAL A 139 -28.72 -2.05 2.52
CA VAL A 139 -29.77 -1.11 2.91
C VAL A 139 -31.08 -1.32 2.15
N ASN A 140 -31.04 -1.41 0.82
CA ASN A 140 -32.30 -1.47 0.06
C ASN A 140 -32.27 -2.35 -1.18
N GLN A 141 -31.38 -3.34 -1.21
CA GLN A 141 -31.29 -4.24 -2.36
C GLN A 141 -32.55 -5.08 -2.54
N ASP A 142 -33.26 -5.34 -1.45
CA ASP A 142 -34.54 -6.06 -1.50
C ASP A 142 -35.70 -5.29 -2.16
N THR A 143 -35.53 -4.01 -2.45
CA THR A 143 -36.49 -3.31 -3.31
C THR A 143 -36.33 -3.67 -4.78
N LEU A 144 -35.23 -4.28 -5.19
CA LEU A 144 -35.08 -4.69 -6.58
C LEU A 144 -36.09 -5.80 -6.95
N THR A 145 -36.63 -5.74 -8.17
CA THR A 145 -37.50 -6.81 -8.71
C THR A 145 -36.95 -7.27 -10.07
N ALA A 146 -37.63 -8.24 -10.68
CA ALA A 146 -37.33 -8.73 -12.03
C ALA A 146 -37.41 -7.63 -13.12
N ASP A 147 -38.24 -6.61 -12.85
CA ASP A 147 -38.42 -5.50 -13.78
C ASP A 147 -37.29 -4.46 -13.77
N ASP A 148 -36.40 -4.48 -12.77
CA ASP A 148 -35.32 -3.49 -12.69
C ASP A 148 -34.14 -3.85 -13.60
N LYS A 149 -34.11 -3.27 -14.79
CA LYS A 149 -33.10 -3.57 -15.81
C LYS A 149 -31.88 -2.63 -15.74
N ILE A 150 -32.12 -1.42 -15.26
CA ILE A 150 -31.06 -0.41 -15.17
C ILE A 150 -31.09 0.13 -13.72
N VAL A 151 -29.95 0.09 -13.06
CA VAL A 151 -29.86 0.41 -11.63
C VAL A 151 -28.63 1.29 -11.39
N SER A 152 -28.75 2.21 -10.44
CA SER A 152 -27.63 3.02 -9.98
C SER A 152 -27.11 2.46 -8.69
N ALA A 153 -25.78 2.47 -8.53
CA ALA A 153 -25.14 2.15 -7.26
C ALA A 153 -24.98 3.37 -6.35
N GLY A 154 -25.47 4.55 -6.79
CA GLY A 154 -25.17 5.82 -6.15
C GLY A 154 -23.70 6.15 -6.27
N SER A 155 -23.18 6.95 -5.35
CA SER A 155 -21.76 7.33 -5.33
C SER A 155 -21.08 6.58 -4.25
N CYS A 156 -19.76 6.68 -4.26
CA CYS A 156 -18.92 6.20 -3.21
C CYS A 156 -19.37 6.75 -1.84
N THR A 157 -19.70 8.03 -1.79
CA THR A 157 -20.11 8.68 -0.56
C THR A 157 -21.48 8.23 -0.06
N THR A 158 -22.43 8.04 -0.94
CA THR A 158 -23.73 7.45 -0.57
C THR A 158 -23.57 6.06 0.09
N ASN A 159 -22.65 5.24 -0.42
CA ASN A 159 -22.41 3.91 0.13
C ASN A 159 -21.69 3.91 1.48
N SER A 160 -20.96 4.98 1.78
CA SER A 160 -20.40 5.23 3.11
C SER A 160 -21.43 5.70 4.12
N LEU A 161 -22.32 6.57 3.67
CA LEU A 161 -23.29 7.24 4.54
C LEU A 161 -24.54 6.40 4.87
N ALA A 162 -25.09 5.73 3.87
CA ALA A 162 -26.41 5.11 4.02
C ALA A 162 -26.50 4.01 5.08
N PRO A 163 -25.48 3.13 5.21
CA PRO A 163 -25.55 2.11 6.26
C PRO A 163 -25.60 2.72 7.67
N MET A 164 -24.82 3.76 7.91
CA MET A 164 -24.80 4.43 9.20
C MET A 164 -26.14 5.14 9.45
N VAL A 165 -26.62 5.88 8.44
CA VAL A 165 -27.94 6.56 8.51
C VAL A 165 -29.10 5.57 8.71
N ASN A 166 -29.05 4.46 7.99
CA ASN A 166 -30.03 3.41 8.12
C ASN A 166 -30.11 2.90 9.57
N ALA A 167 -28.96 2.60 10.17
CA ALA A 167 -28.94 2.09 11.56
C ALA A 167 -29.47 3.15 12.52
N LEU A 168 -29.02 4.38 12.37
CA LEU A 168 -29.51 5.46 13.23
C LEU A 168 -31.00 5.69 13.12
N GLN A 169 -31.52 5.58 11.89
CA GLN A 169 -32.94 5.83 11.63
C GLN A 169 -33.80 4.74 12.23
N LYS A 170 -33.39 3.47 12.10
CA LYS A 170 -34.14 2.37 12.68
C LYS A 170 -34.09 2.37 14.21
N GLU A 171 -32.94 2.68 14.79
CA GLU A 171 -32.80 2.59 16.25
C GLU A 171 -33.32 3.82 17.01
N PHE A 172 -33.10 5.01 16.45
CA PHE A 172 -33.41 6.28 17.15
C PHE A 172 -34.37 7.25 16.43
N GLY A 173 -34.46 7.15 15.10
CA GLY A 173 -35.06 8.18 14.23
C GLY A 173 -34.06 9.32 13.99
N ILE A 174 -33.95 9.80 12.75
CA ILE A 174 -33.25 11.05 12.46
C ILE A 174 -34.27 12.12 12.08
N GLU A 175 -34.20 13.27 12.73
CA GLU A 175 -35.03 14.42 12.41
C GLU A 175 -34.39 15.32 11.34
N VAL A 176 -33.08 15.56 11.48
CA VAL A 176 -32.34 16.37 10.51
C VAL A 176 -30.85 16.08 10.71
N GLY A 177 -30.08 16.20 9.65
CA GLY A 177 -28.63 15.95 9.76
C GLY A 177 -27.86 16.58 8.63
N THR A 178 -26.58 16.80 8.87
CA THR A 178 -25.68 17.40 7.91
C THR A 178 -24.35 16.61 7.93
N MET A 179 -23.84 16.35 6.74
CA MET A 179 -22.64 15.54 6.53
C MET A 179 -21.45 16.41 6.11
N THR A 180 -20.26 16.03 6.54
CA THR A 180 -19.00 16.44 5.89
C THR A 180 -18.16 15.21 5.68
N THR A 181 -17.75 14.98 4.41
CA THR A 181 -16.87 13.87 4.11
C THR A 181 -15.51 14.48 3.85
N ILE A 182 -14.52 14.07 4.64
CA ILE A 182 -13.14 14.43 4.41
C ILE A 182 -12.58 13.36 3.47
N HIS A 183 -12.30 13.77 2.24
CA HIS A 183 -12.27 12.84 1.10
C HIS A 183 -10.96 12.96 0.35
N ALA A 184 -10.44 11.80 -0.08
CA ALA A 184 -9.28 11.69 -0.96
C ALA A 184 -9.50 12.46 -2.23
N TYR A 185 -8.40 12.92 -2.83
CA TYR A 185 -8.52 13.53 -4.13
C TYR A 185 -8.83 12.47 -5.17
N THR A 186 -9.46 12.88 -6.26
CA THR A 186 -9.91 11.93 -7.30
C THR A 186 -9.33 12.30 -8.65
N SER A 187 -9.55 11.42 -9.61
CA SER A 187 -8.81 11.49 -10.89
C SER A 187 -9.19 12.67 -11.75
N THR A 188 -10.36 13.25 -11.53
CA THR A 188 -10.75 14.40 -12.31
C THR A 188 -10.27 15.73 -11.70
N GLN A 189 -9.65 15.71 -10.52
CA GLN A 189 -9.03 16.92 -9.99
C GLN A 189 -7.73 17.24 -10.76
N MET A 190 -7.31 18.50 -10.69
CA MET A 190 -6.09 18.98 -11.31
C MET A 190 -4.86 18.75 -10.42
N ILE A 191 -3.77 18.33 -11.05
CA ILE A 191 -2.50 18.13 -10.33
C ILE A 191 -1.86 19.49 -9.98
N LEU A 192 -1.93 20.45 -10.90
CA LEU A 192 -1.51 21.84 -10.68
C LEU A 192 -2.66 22.74 -11.13
N ASP A 193 -2.63 23.99 -10.68
CA ASP A 193 -3.73 24.90 -10.90
C ASP A 193 -3.84 25.16 -12.40
N GLY A 194 -5.03 24.99 -12.92
CA GLY A 194 -5.29 25.25 -14.31
C GLY A 194 -6.75 25.10 -14.61
N PRO A 195 -7.14 25.52 -15.83
CA PRO A 195 -8.53 25.42 -16.24
C PRO A 195 -9.01 23.99 -16.28
N VAL A 196 -10.24 23.83 -15.88
CA VAL A 196 -10.88 22.55 -15.75
C VAL A 196 -12.16 22.61 -16.59
N ARG A 197 -12.57 21.46 -17.12
CA ARG A 197 -13.81 21.35 -17.89
C ARG A 197 -15.00 21.73 -16.97
N GLY A 198 -15.80 22.69 -17.39
CA GLY A 198 -16.91 23.22 -16.58
C GLY A 198 -16.66 24.60 -16.00
N GLY A 199 -15.40 24.93 -15.70
CA GLY A 199 -15.04 26.24 -15.18
C GLY A 199 -15.10 26.42 -13.66
N ASN A 200 -15.25 25.35 -12.90
CA ASN A 200 -15.37 25.45 -11.45
C ASN A 200 -14.04 26.00 -10.84
N LEU A 201 -14.15 27.03 -10.03
CA LEU A 201 -12.98 27.73 -9.50
C LEU A 201 -12.18 26.90 -8.48
N ARG A 202 -12.83 25.93 -7.83
CA ARG A 202 -12.17 25.07 -6.86
C ARG A 202 -11.62 23.78 -7.47
N ALA A 203 -12.34 23.27 -8.46
CA ALA A 203 -11.90 22.05 -9.18
C ALA A 203 -10.63 22.33 -9.96
N ALA A 204 -10.43 23.60 -10.34
CA ALA A 204 -9.24 24.07 -10.97
C ALA A 204 -7.94 24.03 -10.14
N ARG A 205 -7.97 23.76 -8.84
CA ARG A 205 -6.80 23.97 -7.97
C ARG A 205 -6.01 22.68 -7.70
N ALA A 206 -4.71 22.85 -7.48
CA ALA A 206 -3.77 21.76 -7.30
C ALA A 206 -4.25 20.83 -6.18
N ALA A 207 -4.49 19.56 -6.49
CA ALA A 207 -5.21 18.70 -5.57
C ALA A 207 -4.38 18.12 -4.40
N ALA A 208 -3.08 17.90 -4.61
CA ALA A 208 -2.31 17.21 -3.60
C ALA A 208 -1.61 18.19 -2.66
N ILE A 209 -1.87 19.49 -2.78
CA ILE A 209 -1.30 20.50 -1.90
C ILE A 209 -2.38 21.47 -1.34
N ASN A 210 -3.65 21.08 -1.35
CA ASN A 210 -4.71 21.93 -0.87
C ASN A 210 -5.77 21.09 -0.18
N ILE A 211 -6.36 21.67 0.84
CA ILE A 211 -7.74 21.34 1.29
C ILE A 211 -8.67 22.14 0.38
N ILE A 212 -9.55 21.43 -0.32
CA ILE A 212 -10.48 22.02 -1.32
C ILE A 212 -11.94 21.64 -1.00
N PRO A 213 -12.78 22.62 -0.60
CA PRO A 213 -14.20 22.33 -0.44
C PRO A 213 -14.86 21.88 -1.76
N HIS A 214 -15.81 20.96 -1.66
CA HIS A 214 -16.45 20.40 -2.86
C HIS A 214 -17.95 20.08 -2.54
N SER A 215 -18.81 20.43 -3.48
CA SER A 215 -20.22 20.08 -3.42
C SER A 215 -20.40 18.59 -3.57
N THR A 216 -21.37 18.03 -2.84
CA THR A 216 -21.76 16.63 -2.91
C THR A 216 -23.30 16.52 -3.05
N GLY A 217 -23.76 15.37 -3.50
CA GLY A 217 -25.17 15.07 -3.65
C GLY A 217 -25.62 13.92 -2.80
N ALA A 218 -24.68 13.21 -2.14
CA ALA A 218 -25.04 11.99 -1.40
C ALA A 218 -26.03 12.19 -0.25
N ALA A 219 -25.92 13.26 0.53
CA ALA A 219 -26.89 13.49 1.63
C ALA A 219 -28.26 13.96 1.11
N LYS A 220 -28.28 14.89 0.17
CA LYS A 220 -29.58 15.38 -0.39
C LYS A 220 -30.34 14.29 -1.16
N ALA A 221 -29.64 13.26 -1.62
CA ALA A 221 -30.21 12.18 -2.39
C ALA A 221 -30.55 10.94 -1.54
N ILE A 222 -30.50 11.07 -0.22
CA ILE A 222 -30.64 9.91 0.65
C ILE A 222 -32.05 9.31 0.55
N GLY A 223 -33.02 10.16 0.27
CA GLY A 223 -34.40 9.77 0.03
C GLY A 223 -34.59 8.73 -1.07
N LEU A 224 -33.65 8.65 -2.01
CA LEU A 224 -33.72 7.61 -3.04
C LEU A 224 -33.49 6.22 -2.43
N VAL A 225 -32.71 6.16 -1.35
CA VAL A 225 -32.29 4.92 -0.73
C VAL A 225 -33.10 4.62 0.54
N ILE A 226 -33.36 5.65 1.34
CA ILE A 226 -34.17 5.53 2.55
C ILE A 226 -35.23 6.63 2.42
N PRO A 227 -36.38 6.31 1.80
CA PRO A 227 -37.43 7.32 1.52
C PRO A 227 -37.90 8.17 2.71
N GLU A 228 -37.93 7.61 3.91
CA GLU A 228 -38.37 8.35 5.09
C GLU A 228 -37.42 9.47 5.54
N LEU A 229 -36.18 9.50 5.01
CA LEU A 229 -35.25 10.60 5.26
C LEU A 229 -35.13 11.58 4.09
N ASN A 230 -36.03 11.47 3.11
CA ASN A 230 -36.05 12.39 1.99
C ASN A 230 -36.16 13.82 2.52
N GLY A 231 -35.22 14.65 2.09
CA GLY A 231 -35.19 16.06 2.42
C GLY A 231 -34.69 16.37 3.82
N LYS A 232 -34.21 15.39 4.57
CA LYS A 232 -33.76 15.65 5.96
C LYS A 232 -32.26 15.77 6.16
N LEU A 233 -31.48 15.39 5.15
CA LEU A 233 -30.04 15.48 5.18
C LEU A 233 -29.48 16.45 4.13
N ASN A 234 -28.33 17.05 4.42
CA ASN A 234 -27.54 17.76 3.44
C ASN A 234 -26.07 17.59 3.82
N GLY A 235 -25.17 18.08 3.00
CA GLY A 235 -23.76 17.96 3.30
C GLY A 235 -22.85 18.52 2.24
N HIS A 236 -21.55 18.34 2.46
CA HIS A 236 -20.54 18.71 1.47
C HIS A 236 -19.26 17.87 1.76
N ALA A 237 -18.19 18.19 1.05
CA ALA A 237 -16.93 17.50 1.18
C ALA A 237 -15.79 18.49 1.32
N GLN A 238 -14.70 17.99 1.91
CA GLN A 238 -13.40 18.63 1.88
C GLN A 238 -12.44 17.62 1.25
N ARG A 239 -11.93 17.96 0.05
CA ARG A 239 -10.94 17.15 -0.65
C ARG A 239 -9.55 17.49 -0.06
N VAL A 240 -8.82 16.48 0.37
CA VAL A 240 -7.55 16.62 1.02
C VAL A 240 -6.50 15.70 0.38
N PRO A 241 -5.21 15.96 0.65
CA PRO A 241 -4.17 15.24 -0.07
C PRO A 241 -3.84 13.85 0.44
N VAL A 242 -4.78 12.92 0.33
CA VAL A 242 -4.48 11.50 0.30
C VAL A 242 -5.03 10.96 -1.04
N PRO A 243 -4.37 9.94 -1.60
CA PRO A 243 -4.79 9.42 -2.93
C PRO A 243 -5.99 8.51 -2.90
N ASP A 244 -6.28 7.99 -1.71
CA ASP A 244 -7.43 7.14 -1.47
C ASP A 244 -7.67 7.07 0.01
N GLY A 245 -8.90 6.78 0.41
CA GLY A 245 -9.25 6.71 1.80
C GLY A 245 -9.97 7.96 2.19
N SER A 246 -11.19 7.81 2.72
CA SER A 246 -12.07 8.91 3.04
C SER A 246 -12.81 8.65 4.34
N VAL A 247 -13.40 9.71 4.90
CA VAL A 247 -14.19 9.55 6.14
C VAL A 247 -15.39 10.44 6.09
N THR A 248 -16.55 9.91 6.48
CA THR A 248 -17.82 10.65 6.46
C THR A 248 -18.28 10.92 7.91
N GLU A 249 -18.35 12.20 8.25
CA GLU A 249 -18.98 12.66 9.49
C GLU A 249 -20.40 13.10 9.27
N LEU A 250 -21.29 12.65 10.15
CA LEU A 250 -22.72 13.03 10.13
C LEU A 250 -23.02 13.63 11.49
N VAL A 251 -23.55 14.85 11.49
CA VAL A 251 -24.09 15.45 12.72
C VAL A 251 -25.59 15.46 12.59
N SER A 252 -26.25 14.83 13.57
CA SER A 252 -27.72 14.58 13.56
C SER A 252 -28.42 15.10 14.80
N ILE A 253 -29.69 15.45 14.63
CA ILE A 253 -30.64 15.51 15.71
C ILE A 253 -31.46 14.23 15.61
N LEU A 254 -31.44 13.43 16.68
CA LEU A 254 -32.17 12.16 16.71
C LEU A 254 -33.49 12.33 17.40
N GLY A 255 -34.43 11.44 17.12
CA GLY A 255 -35.76 11.46 17.74
C GLY A 255 -35.81 11.04 19.20
N LYS A 256 -34.67 10.80 19.80
CA LYS A 256 -34.57 10.21 21.11
C LYS A 256 -33.27 10.71 21.76
N ASN A 257 -33.24 10.77 23.08
CA ASN A 257 -32.03 11.14 23.82
C ASN A 257 -31.12 9.89 23.96
N VAL A 258 -29.82 10.08 23.70
CA VAL A 258 -28.86 8.99 23.64
C VAL A 258 -27.54 9.31 24.34
N THR A 259 -26.74 8.26 24.54
CA THR A 259 -25.31 8.35 24.92
C THR A 259 -24.48 7.83 23.75
N ALA A 260 -23.22 8.20 23.75
CA ALA A 260 -22.25 7.75 22.76
C ALA A 260 -22.15 6.20 22.73
N ASP A 261 -22.06 5.59 23.91
CA ASP A 261 -22.02 4.12 24.03
C ASP A 261 -23.27 3.44 23.45
N GLU A 262 -24.42 4.04 23.73
CA GLU A 262 -25.68 3.56 23.17
C GLU A 262 -25.68 3.63 21.66
N VAL A 263 -25.26 4.77 21.10
CA VAL A 263 -25.10 4.89 19.65
C VAL A 263 -24.16 3.79 19.09
N ASN A 264 -23.01 3.59 19.72
CA ASN A 264 -22.03 2.62 19.23
C ASN A 264 -22.53 1.19 19.31
N GLU A 265 -23.23 0.86 20.39
CA GLU A 265 -23.84 -0.48 20.50
C GLU A 265 -24.88 -0.71 19.40
N ALA A 266 -25.62 0.34 19.07
CA ALA A 266 -26.62 0.25 18.02
C ALA A 266 -25.95 -0.01 16.68
N MET A 267 -24.80 0.63 16.37
CA MET A 267 -24.10 0.37 15.10
C MET A 267 -23.55 -1.05 15.01
N LYS A 268 -23.03 -1.55 16.13
CA LYS A 268 -22.51 -2.90 16.24
C LYS A 268 -23.56 -3.95 15.87
N LYS A 269 -24.83 -3.71 16.21
CA LYS A 269 -25.94 -4.61 15.85
C LYS A 269 -26.14 -4.77 14.36
N TYR A 270 -25.78 -3.75 13.57
CA TYR A 270 -25.95 -3.80 12.12
C TYR A 270 -24.67 -4.20 11.41
N GLU A 271 -23.67 -4.71 12.13
CA GLU A 271 -22.44 -5.12 11.47
C GLU A 271 -22.75 -6.18 10.40
N SER A 272 -22.12 -6.05 9.25
CA SER A 272 -22.28 -7.03 8.15
C SER A 272 -21.12 -6.88 7.19
N PRO A 273 -21.11 -7.69 6.12
CA PRO A 273 -19.99 -7.51 5.16
C PRO A 273 -19.95 -6.11 4.54
N SER A 274 -21.11 -5.46 4.43
CA SER A 274 -21.19 -4.09 3.90
C SER A 274 -20.94 -2.97 4.93
N PHE A 275 -21.05 -3.28 6.22
CA PHE A 275 -20.99 -2.29 7.29
C PHE A 275 -20.14 -2.85 8.41
N GLU A 276 -18.89 -2.39 8.50
CA GLU A 276 -17.95 -2.93 9.45
C GLU A 276 -17.95 -2.04 10.70
N TYR A 277 -17.70 -2.64 11.86
CA TYR A 277 -17.50 -1.92 13.12
C TYR A 277 -16.00 -2.00 13.47
N GLU A 278 -15.32 -0.86 13.48
CA GLU A 278 -13.85 -0.79 13.58
C GLU A 278 -13.40 0.06 14.78
N PRO A 279 -13.19 -0.59 15.95
CA PRO A 279 -12.79 0.11 17.18
C PRO A 279 -11.28 0.21 17.44
N ASN A 280 -10.42 -0.16 16.50
CA ASN A 280 -8.97 -0.30 16.80
C ASN A 280 -8.10 0.94 16.56
N ASN A 281 -8.70 2.14 16.58
CA ASN A 281 -7.97 3.40 16.44
C ASN A 281 -7.18 3.52 15.13
N VAL A 282 -7.87 3.23 14.04
CA VAL A 282 -7.27 3.20 12.73
C VAL A 282 -7.13 4.62 12.14
N VAL A 283 -6.31 4.73 11.11
CA VAL A 283 -6.19 5.96 10.31
C VAL A 283 -6.47 5.59 8.87
N SER A 284 -6.45 6.53 7.94
CA SER A 284 -6.94 6.26 6.60
C SER A 284 -6.20 5.16 5.89
N SER A 285 -4.90 5.05 6.06
CA SER A 285 -4.09 3.97 5.45
C SER A 285 -4.57 2.58 5.74
N ASP A 286 -5.03 2.40 6.96
CA ASP A 286 -5.53 1.08 7.44
C ASP A 286 -6.84 0.64 6.76
N ILE A 287 -7.50 1.60 6.14
CA ILE A 287 -8.81 1.44 5.50
C ILE A 287 -8.68 1.01 4.04
N LEU A 288 -7.48 1.16 3.46
CA LEU A 288 -7.26 0.89 2.06
C LEU A 288 -7.35 -0.61 1.87
N GLY A 289 -8.13 -1.03 0.88
CA GLY A 289 -8.40 -2.43 0.66
C GLY A 289 -9.56 -3.00 1.47
N ARG A 290 -10.22 -2.22 2.31
CA ARG A 290 -11.38 -2.75 3.03
C ARG A 290 -12.52 -2.95 2.04
N THR A 291 -13.32 -3.98 2.32
CA THR A 291 -14.37 -4.47 1.42
C THR A 291 -15.79 -4.00 1.83
N ALA A 292 -15.96 -3.53 3.06
CA ALA A 292 -17.24 -2.95 3.50
C ALA A 292 -17.49 -1.62 2.78
N GLY A 293 -18.75 -1.30 2.54
CA GLY A 293 -19.14 0.02 2.05
C GLY A 293 -18.87 1.15 3.02
N SER A 294 -18.95 0.86 4.32
CA SER A 294 -18.89 1.86 5.38
C SER A 294 -18.28 1.18 6.59
N ILE A 295 -17.26 1.82 7.18
CA ILE A 295 -16.52 1.26 8.33
C ILE A 295 -16.69 2.20 9.49
N PHE A 296 -17.65 1.85 10.33
CA PHE A 296 -18.01 2.71 11.45
C PHE A 296 -16.90 2.79 12.48
N ASP A 297 -16.61 4.01 12.95
CA ASP A 297 -15.52 4.20 13.90
C ASP A 297 -16.08 4.67 15.23
N PRO A 298 -16.30 3.73 16.19
CA PRO A 298 -16.89 4.14 17.49
C PRO A 298 -16.02 5.08 18.33
N THR A 299 -14.72 5.12 18.08
CA THR A 299 -13.83 6.02 18.81
C THR A 299 -14.08 7.50 18.49
N GLN A 300 -14.74 7.79 17.37
CA GLN A 300 -15.04 9.19 17.02
C GLN A 300 -16.47 9.63 17.34
N THR A 301 -17.31 8.75 17.87
CA THR A 301 -18.72 9.09 18.21
C THR A 301 -18.77 10.11 19.34
N MET A 302 -19.52 11.19 19.16
CA MET A 302 -19.61 12.25 20.16
C MET A 302 -21.07 12.73 20.27
N VAL A 303 -21.57 12.78 21.50
CA VAL A 303 -22.89 13.32 21.81
C VAL A 303 -22.67 14.59 22.62
N THR A 304 -23.12 15.73 22.08
CA THR A 304 -23.02 17.01 22.75
C THR A 304 -24.41 17.43 23.18
N THR A 305 -24.56 17.65 24.47
CA THR A 305 -25.84 17.92 25.10
C THR A 305 -25.79 19.29 25.78
N ALA A 306 -26.82 20.10 25.56
CA ALA A 306 -26.97 21.35 26.30
C ALA A 306 -28.44 21.61 26.55
N GLY A 307 -28.82 21.65 27.82
CA GLY A 307 -30.23 21.71 28.19
C GLY A 307 -30.97 20.50 27.63
N ASP A 308 -32.08 20.77 26.94
CA ASP A 308 -32.88 19.74 26.29
C ASP A 308 -32.41 19.39 24.87
N LYS A 309 -31.33 20.01 24.38
CA LYS A 309 -30.84 19.79 23.02
C LYS A 309 -29.60 18.88 22.97
N GLN A 310 -29.58 18.07 21.92
CA GLN A 310 -28.53 17.09 21.71
C GLN A 310 -28.12 17.02 20.24
N LEU A 311 -26.80 17.07 19.99
CA LEU A 311 -26.22 16.83 18.69
C LEU A 311 -25.41 15.55 18.75
N VAL A 312 -25.58 14.69 17.75
CA VAL A 312 -24.90 13.40 17.68
C VAL A 312 -24.00 13.33 16.44
N LYS A 313 -22.71 13.18 16.67
CA LYS A 313 -21.74 13.02 15.58
C LYS A 313 -21.32 11.56 15.46
N THR A 314 -21.55 10.98 14.27
CA THR A 314 -21.15 9.63 13.95
C THR A 314 -20.25 9.62 12.68
N VAL A 315 -19.25 8.75 12.72
CA VAL A 315 -18.17 8.80 11.74
C VAL A 315 -17.90 7.42 11.16
N ALA A 316 -17.88 7.36 9.83
CA ALA A 316 -17.59 6.15 9.10
C ALA A 316 -16.46 6.34 8.12
N TRP A 317 -15.46 5.46 8.19
CA TRP A 317 -14.44 5.41 7.15
C TRP A 317 -14.95 4.70 5.91
N TYR A 318 -14.26 4.95 4.78
CA TYR A 318 -14.41 4.14 3.56
C TYR A 318 -13.23 4.25 2.62
N ASP A 319 -12.92 3.15 1.95
CA ASP A 319 -12.03 3.18 0.80
C ASP A 319 -12.93 3.64 -0.34
N ASN A 320 -12.88 4.94 -0.64
CA ASN A 320 -13.81 5.55 -1.63
C ASN A 320 -13.79 4.81 -2.97
N GLU A 321 -12.66 4.16 -3.29
CA GLU A 321 -12.54 3.31 -4.48
C GLU A 321 -13.01 1.87 -4.23
N TYR A 322 -12.39 1.18 -3.29
CA TYR A 322 -12.64 -0.26 -3.14
C TYR A 322 -13.91 -0.62 -2.37
N SER A 323 -14.30 0.21 -1.39
CA SER A 323 -15.55 0.01 -0.63
C SER A 323 -16.70 0.07 -1.61
N PHE A 324 -16.67 1.11 -2.44
CA PHE A 324 -17.66 1.35 -3.49
C PHE A 324 -17.67 0.18 -4.47
N THR A 325 -16.50 -0.22 -4.95
CA THR A 325 -16.37 -1.35 -5.84
C THR A 325 -17.02 -2.63 -5.28
N CYS A 326 -16.68 -2.98 -4.05
CA CYS A 326 -17.16 -4.20 -3.46
C CYS A 326 -18.69 -4.16 -3.23
N GLN A 327 -19.23 -3.00 -2.84
CA GLN A 327 -20.69 -2.79 -2.77
C GLN A 327 -21.36 -3.08 -4.11
N MET A 328 -20.75 -2.59 -5.18
CA MET A 328 -21.25 -2.87 -6.53
C MET A 328 -21.24 -4.34 -6.90
N VAL A 329 -20.17 -5.03 -6.53
CA VAL A 329 -20.02 -6.46 -6.83
C VAL A 329 -21.08 -7.27 -6.07
N ARG A 330 -21.34 -6.93 -4.81
CA ARG A 330 -22.46 -7.53 -4.07
C ARG A 330 -23.79 -7.32 -4.75
N THR A 331 -24.01 -6.12 -5.29
CA THR A 331 -25.23 -5.81 -6.04
C THR A 331 -25.34 -6.60 -7.36
N LEU A 332 -24.22 -6.77 -8.08
CA LEU A 332 -24.20 -7.64 -9.25
C LEU A 332 -24.57 -9.08 -8.90
N LEU A 333 -24.07 -9.58 -7.77
CA LEU A 333 -24.48 -10.92 -7.28
C LEU A 333 -25.97 -10.94 -6.96
N HIS A 334 -26.48 -9.91 -6.30
CA HIS A 334 -27.90 -9.83 -6.03
C HIS A 334 -28.79 -9.91 -7.31
N PHE A 335 -28.32 -9.35 -8.43
CA PHE A 335 -29.02 -9.41 -9.72
C PHE A 335 -29.36 -10.83 -10.17
N ALA A 336 -28.50 -11.79 -9.86
CA ALA A 336 -28.77 -13.21 -10.15
C ALA A 336 -29.97 -13.78 -9.38
N THR A 337 -30.34 -13.18 -8.24
CA THR A 337 -31.58 -13.61 -7.51
C THR A 337 -32.87 -13.00 -8.07
N LEU A 338 -32.75 -12.12 -9.06
CA LEU A 338 -33.91 -11.53 -9.71
C LEU A 338 -34.34 -12.41 -10.88
N MET B 1 16.30 -27.30 15.81
CA MET B 1 16.42 -27.12 14.33
C MET B 1 16.15 -25.69 13.84
N THR B 2 15.46 -24.83 14.62
CA THR B 2 15.21 -23.44 14.18
C THR B 2 16.27 -22.44 14.70
N VAL B 3 16.71 -21.57 13.79
CA VAL B 3 17.50 -20.39 14.13
C VAL B 3 16.57 -19.45 14.89
N LYS B 4 16.93 -19.12 16.12
CA LYS B 4 16.09 -18.29 16.97
C LYS B 4 16.68 -16.90 17.07
N ILE B 5 15.85 -15.89 16.81
CA ILE B 5 16.30 -14.51 16.70
C ILE B 5 15.74 -13.67 17.85
N GLY B 6 16.60 -12.86 18.43
CA GLY B 6 16.21 -11.79 19.35
C GLY B 6 16.37 -10.48 18.60
N ILE B 7 15.39 -9.59 18.73
CA ILE B 7 15.43 -8.27 18.09
C ILE B 7 15.64 -7.21 19.16
N ASN B 8 16.74 -6.45 19.06
CA ASN B 8 17.03 -5.36 20.00
C ASN B 8 16.69 -4.05 19.31
N GLY B 9 15.59 -3.44 19.74
CA GLY B 9 15.03 -2.29 19.10
C GLY B 9 13.93 -2.65 18.09
N PHE B 10 12.67 -2.39 18.46
CA PHE B 10 11.52 -2.77 17.64
C PHE B 10 11.02 -1.55 16.90
N GLY B 11 11.94 -0.96 16.13
CA GLY B 11 11.67 0.21 15.33
C GLY B 11 11.16 -0.27 14.00
N ARG B 12 11.16 0.59 13.01
CA ARG B 12 10.53 0.25 11.71
C ARG B 12 11.14 -1.02 11.09
N ILE B 13 12.48 -1.08 11.16
CA ILE B 13 13.20 -2.22 10.63
C ILE B 13 13.00 -3.51 11.45
N GLY B 14 13.07 -3.40 12.76
CA GLY B 14 12.86 -4.51 13.65
C GLY B 14 11.49 -5.16 13.45
N ARG B 15 10.46 -4.32 13.41
CA ARG B 15 9.09 -4.78 13.14
C ARG B 15 8.96 -5.45 11.77
N LEU B 16 9.54 -4.82 10.74
CA LEU B 16 9.50 -5.46 9.43
C LEU B 16 10.28 -6.79 9.40
N ALA B 17 11.38 -6.87 10.14
CA ALA B 17 12.11 -8.14 10.26
C ALA B 17 11.25 -9.21 10.94
N PHE B 18 10.49 -8.79 11.95
CA PHE B 18 9.52 -9.68 12.61
C PHE B 18 8.52 -10.19 11.59
N ARG B 19 7.96 -9.29 10.78
CA ARG B 19 7.02 -9.71 9.74
C ARG B 19 7.65 -10.64 8.75
N ARG B 20 8.83 -10.25 8.26
CA ARG B 20 9.55 -11.07 7.25
C ARG B 20 9.86 -12.48 7.78
N ILE B 21 10.34 -12.57 9.02
CA ILE B 21 10.66 -13.86 9.63
C ILE B 21 9.43 -14.75 9.82
N MET B 22 8.33 -14.15 10.28
CA MET B 22 7.09 -14.89 10.35
C MET B 22 6.64 -15.39 8.96
N ASP B 23 6.72 -14.54 7.91
CA ASP B 23 6.39 -14.98 6.55
C ASP B 23 7.25 -16.16 6.09
N LEU B 24 8.56 -16.12 6.34
CA LEU B 24 9.46 -17.21 5.96
C LEU B 24 9.22 -18.48 6.77
N GLY B 25 8.81 -18.30 8.02
CA GLY B 25 8.45 -19.41 8.90
C GLY B 25 7.24 -20.14 8.37
N GLU B 26 6.29 -19.39 7.82
CA GLU B 26 5.12 -19.95 7.13
C GLU B 26 5.50 -20.75 5.87
N LYS B 27 6.52 -20.31 5.14
CA LYS B 27 7.03 -21.03 3.96
C LYS B 27 8.09 -22.09 4.28
N SER B 28 8.08 -22.63 5.50
CA SER B 28 9.02 -23.70 5.86
C SER B 28 10.41 -23.34 6.42
N LYS B 29 10.93 -22.17 6.08
CA LYS B 29 12.27 -21.76 6.56
C LYS B 29 12.45 -22.07 8.05
N ASP B 30 13.61 -22.56 8.45
CA ASP B 30 13.79 -22.89 9.87
C ASP B 30 14.29 -21.69 10.71
N ILE B 31 13.45 -20.67 10.86
CA ILE B 31 13.81 -19.44 11.59
C ILE B 31 12.58 -18.82 12.26
N GLU B 32 12.78 -18.29 13.45
CA GLU B 32 11.70 -17.64 14.21
C GLU B 32 12.27 -16.54 15.11
N VAL B 33 11.47 -15.49 15.34
CA VAL B 33 11.72 -14.53 16.40
C VAL B 33 11.18 -15.11 17.70
N VAL B 34 12.00 -15.09 18.75
CA VAL B 34 11.57 -15.62 20.05
C VAL B 34 11.41 -14.53 21.11
N ALA B 35 12.06 -13.38 20.94
CA ALA B 35 12.00 -12.33 21.93
C ALA B 35 12.45 -11.02 21.36
N ILE B 36 12.01 -9.96 22.01
CA ILE B 36 12.26 -8.58 21.63
C ILE B 36 12.79 -7.88 22.87
N ASN B 37 13.64 -6.89 22.67
CA ASN B 37 14.02 -5.96 23.73
C ASN B 37 13.81 -4.53 23.26
N ASP B 38 12.98 -3.80 23.99
CA ASP B 38 12.60 -2.44 23.62
C ASP B 38 11.95 -1.74 24.84
N LEU B 39 12.20 -0.44 24.95
CA LEU B 39 11.76 0.31 26.12
C LEU B 39 10.31 0.82 25.98
N THR B 40 9.72 0.73 24.79
CA THR B 40 8.36 1.19 24.54
C THR B 40 7.34 0.21 25.11
N THR B 41 6.24 0.73 25.64
CA THR B 41 5.07 -0.07 26.02
C THR B 41 4.69 -1.12 24.94
N PRO B 42 4.58 -2.41 25.33
CA PRO B 42 4.21 -3.47 24.38
C PRO B 42 2.93 -3.22 23.59
N ALA B 43 1.91 -2.64 24.22
CA ALA B 43 0.66 -2.30 23.54
C ALA B 43 0.89 -1.41 22.32
N LEU B 44 1.77 -0.41 22.49
CA LEU B 44 2.10 0.48 21.39
C LEU B 44 2.87 -0.26 20.31
N LEU B 45 3.86 -1.04 20.74
CA LEU B 45 4.61 -1.87 19.80
C LEU B 45 3.71 -2.84 19.00
N ALA B 46 2.73 -3.44 19.68
CA ALA B 46 1.81 -4.40 19.04
C ALA B 46 0.98 -3.70 17.98
N HIS B 47 0.49 -2.51 18.32
CA HIS B 47 -0.28 -1.70 17.39
C HIS B 47 0.52 -1.31 16.12
N LEU B 48 1.77 -0.90 16.30
CA LEU B 48 2.67 -0.57 15.18
C LEU B 48 3.13 -1.81 14.39
N LEU B 49 3.20 -2.98 15.04
CA LEU B 49 3.40 -4.24 14.30
C LEU B 49 2.20 -4.56 13.38
N LYS B 50 1.00 -4.37 13.91
CA LYS B 50 -0.25 -4.66 13.19
C LYS B 50 -0.51 -3.69 12.04
N TYR B 51 -0.39 -2.39 12.31
CA TYR B 51 -0.78 -1.35 11.35
C TYR B 51 0.44 -0.58 10.91
N ASP B 52 0.69 -0.56 9.60
CA ASP B 52 1.75 0.21 9.04
C ASP B 52 1.21 0.97 7.82
N SER B 53 1.49 2.27 7.81
CA SER B 53 0.99 3.15 6.78
C SER B 53 1.61 2.87 5.40
N THR B 54 2.82 2.35 5.38
CA THR B 54 3.53 1.97 4.15
C THR B 54 3.34 0.49 3.78
N HIS B 55 3.48 -0.41 4.73
CA HIS B 55 3.57 -1.82 4.41
C HIS B 55 2.29 -2.60 4.62
N GLY B 56 1.20 -1.90 4.96
CA GLY B 56 -0.10 -2.52 5.12
C GLY B 56 -0.25 -3.18 6.48
N THR B 57 -1.45 -3.69 6.66
CA THR B 57 -1.86 -4.37 7.84
C THR B 57 -1.30 -5.81 7.87
N PHE B 58 -0.68 -6.17 8.97
CA PHE B 58 -0.15 -7.53 9.18
C PHE B 58 -1.34 -8.50 9.28
N ASP B 59 -1.37 -9.54 8.43
CA ASP B 59 -2.53 -10.44 8.34
C ASP B 59 -2.48 -11.52 9.43
N HIS B 60 -2.48 -11.07 10.69
CA HIS B 60 -2.44 -11.96 11.86
C HIS B 60 -3.17 -11.24 12.97
N GLU B 61 -3.73 -11.95 13.93
CA GLU B 61 -4.27 -11.29 15.13
C GLU B 61 -3.06 -10.80 15.97
N VAL B 62 -3.11 -9.52 16.38
CA VAL B 62 -2.06 -8.92 17.17
C VAL B 62 -2.66 -8.24 18.42
N SER B 63 -2.17 -8.59 19.60
CA SER B 63 -2.54 -7.91 20.86
C SER B 63 -1.29 -7.93 21.75
N SER B 64 -1.45 -7.61 23.03
CA SER B 64 -0.35 -7.50 23.96
C SER B 64 -0.76 -7.79 25.36
N THR B 65 0.24 -8.10 26.18
CA THR B 65 0.12 -8.14 27.63
C THR B 65 1.04 -7.04 28.21
N GLU B 66 1.14 -6.98 29.53
CA GLU B 66 2.05 -6.07 30.23
C GLU B 66 3.52 -6.25 29.76
N ASP B 67 3.93 -7.46 29.37
CA ASP B 67 5.33 -7.72 29.02
C ASP B 67 5.56 -8.47 27.68
N SER B 68 4.53 -8.58 26.85
CA SER B 68 4.64 -9.33 25.61
C SER B 68 3.77 -8.76 24.52
N ILE B 69 4.17 -9.07 23.30
CA ILE B 69 3.30 -8.95 22.12
C ILE B 69 2.77 -10.37 21.89
N VAL B 70 1.51 -10.43 21.47
CA VAL B 70 0.84 -11.68 21.15
C VAL B 70 0.49 -11.69 19.68
N VAL B 71 0.87 -12.74 18.97
CA VAL B 71 0.55 -12.88 17.56
C VAL B 71 -0.05 -14.26 17.37
N ASP B 72 -1.32 -14.30 16.94
CA ASP B 72 -2.09 -15.53 16.70
C ASP B 72 -2.05 -16.44 17.93
N GLY B 73 -2.23 -15.83 19.11
CA GLY B 73 -2.17 -16.53 20.40
C GLY B 73 -0.81 -16.89 20.97
N LYS B 74 0.28 -16.61 20.25
CA LYS B 74 1.63 -16.99 20.69
C LYS B 74 2.27 -15.73 21.30
N LYS B 75 2.84 -15.90 22.48
CA LYS B 75 3.54 -14.84 23.20
C LYS B 75 4.98 -14.62 22.73
N TYR B 76 5.33 -13.35 22.52
CA TYR B 76 6.71 -12.90 22.24
C TYR B 76 7.12 -11.92 23.32
N ARG B 77 8.02 -12.35 24.19
CA ARG B 77 8.45 -11.57 25.32
C ARG B 77 9.11 -10.26 24.88
N VAL B 78 8.65 -9.16 25.48
CA VAL B 78 9.32 -7.87 25.32
C VAL B 78 10.05 -7.52 26.61
N TYR B 79 11.37 -7.66 26.58
CA TYR B 79 12.23 -7.18 27.67
C TYR B 79 12.45 -5.68 27.50
N ALA B 80 12.89 -5.04 28.57
CA ALA B 80 13.08 -3.58 28.59
C ALA B 80 14.39 -3.21 29.31
N GLU B 81 15.49 -3.77 28.81
CA GLU B 81 16.81 -3.59 29.37
C GLU B 81 17.61 -2.58 28.55
N PRO B 82 17.97 -1.43 29.16
CA PRO B 82 18.83 -0.50 28.42
C PRO B 82 20.23 -1.03 28.12
N GLN B 83 20.68 -2.06 28.86
CA GLN B 83 21.99 -2.67 28.66
C GLN B 83 21.89 -4.13 28.20
N ALA B 84 22.44 -4.39 27.03
CA ALA B 84 22.27 -5.65 26.32
C ALA B 84 22.73 -6.90 27.07
N GLN B 85 23.76 -6.75 27.90
CA GLN B 85 24.29 -7.88 28.67
C GLN B 85 23.34 -8.36 29.76
N ASN B 86 22.35 -7.54 30.11
CA ASN B 86 21.29 -7.90 31.07
C ASN B 86 20.01 -8.56 30.47
N ILE B 87 19.92 -8.66 29.14
CA ILE B 87 18.75 -9.27 28.52
C ILE B 87 18.95 -10.79 28.69
N PRO B 88 17.96 -11.49 29.31
CA PRO B 88 18.08 -12.92 29.60
C PRO B 88 17.50 -13.87 28.52
N TRP B 89 17.36 -13.34 27.29
CA TRP B 89 16.71 -14.08 26.22
C TRP B 89 17.44 -15.31 25.73
N VAL B 90 18.71 -15.49 26.07
CA VAL B 90 19.41 -16.70 25.68
C VAL B 90 18.91 -17.87 26.52
N LYS B 91 18.94 -17.74 27.83
CA LYS B 91 18.48 -18.84 28.72
C LYS B 91 16.95 -19.00 28.75
N ASN B 92 16.21 -17.90 28.69
CA ASN B 92 14.74 -17.93 28.76
C ASN B 92 14.06 -18.32 27.45
N ASP B 93 14.60 -17.82 26.33
CA ASP B 93 13.94 -17.93 25.05
C ASP B 93 14.74 -18.66 23.98
N GLY B 94 15.98 -19.07 24.26
CA GLY B 94 16.80 -19.77 23.27
C GLY B 94 17.35 -18.94 22.12
N VAL B 95 17.49 -17.62 22.29
CA VAL B 95 18.06 -16.73 21.25
C VAL B 95 19.45 -17.21 20.84
N ASP B 96 19.63 -17.39 19.54
CA ASP B 96 20.90 -17.71 18.92
C ASP B 96 21.59 -16.41 18.47
N PHE B 97 20.89 -15.68 17.60
CA PHE B 97 21.42 -14.46 16.97
C PHE B 97 20.56 -13.26 17.29
N VAL B 98 21.20 -12.09 17.39
CA VAL B 98 20.51 -10.85 17.68
C VAL B 98 20.55 -9.94 16.44
N LEU B 99 19.37 -9.41 16.09
CA LEU B 99 19.29 -8.31 15.16
C LEU B 99 19.31 -7.04 15.99
N GLU B 100 20.37 -6.26 15.80
CA GLU B 100 20.64 -5.11 16.62
C GLU B 100 20.21 -3.84 15.86
N CYS B 101 19.09 -3.26 16.27
CA CYS B 101 18.46 -2.16 15.55
C CYS B 101 18.34 -0.84 16.35
N THR B 102 18.94 -0.74 17.52
CA THR B 102 18.68 0.41 18.42
C THR B 102 19.40 1.73 18.08
N GLY B 103 20.46 1.68 17.26
CA GLY B 103 21.36 2.82 17.09
C GLY B 103 22.40 3.04 18.21
N PHE B 104 22.17 2.48 19.41
CA PHE B 104 23.06 2.69 20.58
C PHE B 104 24.25 1.70 20.61
N TYR B 105 24.22 0.71 19.73
CA TYR B 105 25.19 -0.38 19.73
C TYR B 105 25.89 -0.55 18.37
N THR B 106 26.18 0.58 17.72
CA THR B 106 26.68 0.58 16.34
C THR B 106 28.23 0.55 16.29
N SER B 107 28.87 -0.31 17.09
CA SER B 107 30.29 -0.60 16.94
C SER B 107 30.60 -2.02 17.41
N LYS B 108 31.75 -2.54 16.99
CA LYS B 108 32.20 -3.85 17.41
C LYS B 108 32.22 -3.91 18.93
N ALA B 109 32.84 -2.90 19.56
CA ALA B 109 33.02 -2.86 21.01
C ALA B 109 31.70 -2.79 21.80
N LYS B 110 30.75 -1.96 21.34
CA LYS B 110 29.47 -1.83 22.07
C LYS B 110 28.60 -3.11 22.02
N SER B 111 28.44 -3.69 20.83
CA SER B 111 27.58 -4.88 20.64
C SER B 111 28.14 -6.15 21.26
N GLN B 112 29.38 -6.14 21.71
CA GLN B 112 29.93 -7.28 22.44
C GLN B 112 29.16 -7.57 23.72
N ALA B 113 28.46 -6.55 24.24
CA ALA B 113 27.55 -6.74 25.37
C ALA B 113 26.55 -7.90 25.18
N HIS B 114 26.08 -8.09 23.93
CA HIS B 114 25.17 -9.22 23.61
C HIS B 114 25.86 -10.57 23.81
N LEU B 115 27.13 -10.62 23.39
CA LEU B 115 27.96 -11.81 23.54
C LEU B 115 28.14 -12.14 25.02
N ASP B 116 28.23 -11.11 25.88
CA ASP B 116 28.27 -11.33 27.35
C ASP B 116 26.97 -11.96 27.90
N ALA B 117 25.85 -11.74 27.21
CA ALA B 117 24.56 -12.39 27.55
C ALA B 117 24.40 -13.79 26.97
N GLY B 118 25.44 -14.35 26.34
CA GLY B 118 25.40 -15.67 25.73
C GLY B 118 24.90 -15.71 24.29
N VAL B 119 24.81 -14.56 23.61
CA VAL B 119 24.41 -14.52 22.20
C VAL B 119 25.57 -15.01 21.31
N LYS B 120 25.24 -15.83 20.31
CA LYS B 120 26.26 -16.40 19.41
C LYS B 120 26.80 -15.37 18.41
N ARG B 121 25.89 -14.61 17.80
CA ARG B 121 26.26 -13.59 16.79
C ARG B 121 25.28 -12.45 16.74
N VAL B 122 25.78 -11.29 16.37
CA VAL B 122 25.00 -10.08 16.27
C VAL B 122 25.15 -9.55 14.85
N LEU B 123 24.01 -9.23 14.25
CA LEU B 123 23.96 -8.48 13.01
C LEU B 123 23.43 -7.08 13.31
N ILE B 124 24.27 -6.08 13.10
CA ILE B 124 23.90 -4.68 13.33
C ILE B 124 23.24 -4.15 12.05
N SER B 125 22.07 -3.54 12.19
CA SER B 125 21.31 -2.99 11.06
C SER B 125 21.77 -1.58 10.63
N ALA B 126 23.08 -1.37 10.52
CA ALA B 126 23.66 -0.07 10.21
C ALA B 126 25.16 -0.22 10.00
N PRO B 127 25.78 0.74 9.27
CA PRO B 127 27.28 0.73 9.13
C PRO B 127 27.89 0.87 10.51
N ALA B 128 28.93 0.10 10.80
CA ALA B 128 29.44 0.01 12.16
C ALA B 128 30.97 0.01 12.22
N GLY B 129 31.62 0.82 11.38
CA GLY B 129 33.07 0.99 11.42
C GLY B 129 33.78 -0.06 10.55
N ASN B 130 35.07 -0.24 10.76
CA ASN B 130 35.83 -1.11 9.87
C ASN B 130 36.72 -2.16 10.56
N ASP B 131 36.48 -2.41 11.83
CA ASP B 131 37.13 -3.49 12.58
C ASP B 131 36.20 -4.71 12.67
N LEU B 132 35.11 -4.70 11.90
CA LEU B 132 34.25 -5.88 11.69
C LEU B 132 33.87 -5.92 10.23
N LYS B 133 33.29 -7.02 9.80
CA LYS B 133 32.88 -7.18 8.40
C LYS B 133 31.51 -6.53 8.13
N THR B 134 31.42 -5.90 6.96
CA THR B 134 30.21 -5.37 6.46
C THR B 134 29.77 -6.31 5.34
N ILE B 135 28.59 -6.91 5.53
CA ILE B 135 28.09 -7.97 4.66
C ILE B 135 26.85 -7.50 3.91
N VAL B 136 26.91 -7.63 2.59
CA VAL B 136 25.76 -7.45 1.69
C VAL B 136 25.54 -8.83 1.11
N TYR B 137 24.42 -9.44 1.52
CA TYR B 137 24.07 -10.80 1.05
C TYR B 137 23.96 -10.82 -0.48
N SER B 138 24.48 -11.89 -1.06
CA SER B 138 24.69 -12.14 -2.52
C SER B 138 25.99 -11.55 -3.05
N VAL B 139 26.69 -10.70 -2.27
CA VAL B 139 27.98 -10.14 -2.68
C VAL B 139 29.18 -10.69 -1.91
N ASN B 140 29.13 -10.68 -0.58
CA ASN B 140 30.33 -11.11 0.19
C ASN B 140 30.06 -11.91 1.46
N GLN B 141 28.91 -12.56 1.53
CA GLN B 141 28.56 -13.35 2.71
C GLN B 141 29.50 -14.51 2.93
N ASP B 142 30.10 -15.02 1.85
CA ASP B 142 31.09 -16.09 1.93
C ASP B 142 32.44 -15.68 2.53
N THR B 143 32.66 -14.40 2.79
CA THR B 143 33.80 -13.99 3.62
C THR B 143 33.57 -14.23 5.11
N LEU B 144 32.33 -14.47 5.54
CA LEU B 144 32.10 -14.76 6.95
C LEU B 144 32.71 -16.10 7.35
N THR B 145 33.26 -16.17 8.56
CA THR B 145 33.77 -17.42 9.16
C THR B 145 33.11 -17.62 10.53
N ALA B 146 33.44 -18.74 11.17
CA ALA B 146 33.03 -19.07 12.55
C ALA B 146 33.46 -18.02 13.59
N ASP B 147 34.57 -17.32 13.29
CA ASP B 147 35.08 -16.28 14.18
C ASP B 147 34.32 -14.95 14.12
N ASP B 148 33.45 -14.74 13.14
CA ASP B 148 32.73 -13.46 13.01
C ASP B 148 31.50 -13.41 13.90
N LYS B 149 31.67 -12.81 15.06
CA LYS B 149 30.60 -12.74 16.06
C LYS B 149 29.72 -11.50 15.94
N ILE B 150 30.30 -10.41 15.43
CA ILE B 150 29.63 -9.13 15.31
C ILE B 150 29.80 -8.67 13.85
N VAL B 151 28.70 -8.38 13.19
CA VAL B 151 28.70 -8.11 11.75
C VAL B 151 27.78 -6.91 11.47
N SER B 152 28.18 -6.10 10.49
CA SER B 152 27.35 -5.00 10.02
C SER B 152 26.66 -5.44 8.72
N ALA B 153 25.41 -5.02 8.57
CA ALA B 153 24.67 -5.19 7.32
C ALA B 153 24.88 -4.00 6.37
N GLY B 154 25.70 -3.02 6.77
CA GLY B 154 25.78 -1.74 6.08
C GLY B 154 24.49 -0.98 6.21
N SER B 155 24.22 -0.09 5.23
CA SER B 155 22.98 0.69 5.20
C SER B 155 22.10 0.12 4.13
N CYS B 156 20.87 0.62 4.11
CA CYS B 156 19.90 0.35 3.08
C CYS B 156 20.45 0.69 1.68
N THR B 157 21.15 1.81 1.58
CA THR B 157 21.73 2.25 0.33
C THR B 157 22.91 1.36 -0.13
N THR B 158 23.76 0.92 0.78
CA THR B 158 24.84 -0.04 0.45
C THR B 158 24.27 -1.33 -0.16
N ASN B 159 23.16 -1.82 0.38
CA ASN B 159 22.52 -3.04 -0.14
C ASN B 159 21.86 -2.87 -1.51
N SER B 160 21.49 -1.64 -1.86
CA SER B 160 20.97 -1.30 -3.19
C SER B 160 22.09 -1.17 -4.22
N LEU B 161 23.21 -0.61 -3.80
CA LEU B 161 24.32 -0.30 -4.66
C LEU B 161 25.26 -1.49 -4.93
N ALA B 162 25.60 -2.24 -3.89
CA ALA B 162 26.68 -3.25 -4.00
C ALA B 162 26.43 -4.37 -5.03
N PRO B 163 25.18 -4.88 -5.15
CA PRO B 163 24.92 -5.93 -6.16
C PRO B 163 25.18 -5.45 -7.58
N MET B 164 24.75 -4.24 -7.87
CA MET B 164 24.93 -3.65 -9.17
C MET B 164 26.41 -3.41 -9.43
N VAL B 165 27.09 -2.79 -8.48
CA VAL B 165 28.54 -2.54 -8.56
C VAL B 165 29.35 -3.83 -8.73
N ASN B 166 28.97 -4.84 -7.95
CA ASN B 166 29.58 -6.15 -8.03
C ASN B 166 29.51 -6.74 -9.45
N ALA B 167 28.32 -6.71 -10.04
CA ALA B 167 28.13 -7.27 -11.39
C ALA B 167 28.95 -6.46 -12.40
N LEU B 168 28.89 -5.13 -12.32
CA LEU B 168 29.69 -4.29 -13.21
C LEU B 168 31.18 -4.54 -13.08
N GLN B 169 31.64 -4.77 -11.85
CA GLN B 169 33.07 -4.92 -11.57
C GLN B 169 33.58 -6.24 -12.12
N LYS B 170 32.81 -7.31 -11.93
CA LYS B 170 33.17 -8.60 -12.45
C LYS B 170 33.14 -8.66 -13.98
N GLU B 171 32.12 -8.06 -14.59
CA GLU B 171 31.96 -8.18 -16.05
C GLU B 171 32.85 -7.21 -16.84
N PHE B 172 33.02 -5.99 -16.34
CA PHE B 172 33.67 -4.90 -17.10
C PHE B 172 34.87 -4.22 -16.42
N GLY B 173 34.91 -4.27 -15.08
CA GLY B 173 35.78 -3.41 -14.26
C GLY B 173 35.17 -2.02 -14.08
N ILE B 174 35.21 -1.48 -12.87
CA ILE B 174 34.93 -0.06 -12.65
C ILE B 174 36.23 0.68 -12.30
N GLU B 175 36.50 1.77 -13.01
CA GLU B 175 37.65 2.61 -12.75
C GLU B 175 37.32 3.71 -11.76
N VAL B 176 36.15 4.33 -11.92
CA VAL B 176 35.68 5.34 -10.99
C VAL B 176 34.16 5.49 -11.17
N GLY B 177 33.46 5.90 -10.13
CA GLY B 177 32.04 6.11 -10.23
C GLY B 177 31.47 6.97 -9.14
N THR B 178 30.32 7.56 -9.42
CA THR B 178 29.65 8.47 -8.50
C THR B 178 28.17 8.09 -8.49
N MET B 179 27.61 8.06 -7.29
CA MET B 179 26.23 7.68 -7.04
C MET B 179 25.37 8.89 -6.69
N THR B 180 24.10 8.87 -7.12
CA THR B 180 23.04 9.66 -6.50
C THR B 180 21.85 8.74 -6.22
N THR B 181 21.40 8.71 -4.95
CA THR B 181 20.21 7.94 -4.60
C THR B 181 19.10 8.93 -4.37
N ILE B 182 18.01 8.79 -5.13
CA ILE B 182 16.80 9.57 -4.94
C ILE B 182 15.97 8.77 -3.96
N HIS B 183 15.79 9.31 -2.77
CA HIS B 183 15.52 8.50 -1.60
C HIS B 183 14.32 9.03 -0.84
N ALA B 184 13.47 8.12 -0.40
CA ALA B 184 12.35 8.40 0.52
C ALA B 184 12.81 9.13 1.75
N TYR B 185 11.92 9.94 2.31
CA TYR B 185 12.22 10.54 3.58
C TYR B 185 12.21 9.45 4.67
N THR B 186 12.92 9.71 5.77
CA THR B 186 13.08 8.74 6.86
C THR B 186 12.65 9.32 8.19
N SER B 187 12.61 8.45 9.20
CA SER B 187 11.94 8.80 10.47
C SER B 187 12.64 9.86 11.27
N THR B 188 13.92 10.06 11.02
CA THR B 188 14.64 11.10 11.74
C THR B 188 14.57 12.47 11.05
N GLN B 189 13.93 12.57 9.89
CA GLN B 189 13.72 13.88 9.27
C GLN B 189 12.58 14.61 9.99
N MET B 190 12.56 15.91 9.83
CA MET B 190 11.54 16.77 10.43
C MET B 190 10.28 16.85 9.53
N ILE B 191 9.13 16.80 10.17
CA ILE B 191 7.84 17.00 9.47
C ILE B 191 7.65 18.46 9.05
N LEU B 192 8.04 19.39 9.90
CA LEU B 192 8.05 20.84 9.59
C LEU B 192 9.43 21.39 9.98
N ASP B 193 9.77 22.57 9.46
CA ASP B 193 11.10 23.15 9.69
C ASP B 193 11.29 23.43 11.17
N GLY B 194 12.38 22.91 11.70
CA GLY B 194 12.71 23.15 13.09
C GLY B 194 14.07 22.58 13.43
N PRO B 195 14.59 22.92 14.62
CA PRO B 195 15.89 22.45 15.04
C PRO B 195 15.91 20.93 15.16
N VAL B 196 17.04 20.38 14.76
CA VAL B 196 17.26 18.95 14.71
C VAL B 196 18.51 18.64 15.55
N ARG B 197 18.54 17.46 16.17
CA ARG B 197 19.70 17.00 16.95
C ARG B 197 20.92 16.90 15.99
N GLY B 198 22.00 17.58 16.34
CA GLY B 198 23.20 17.67 15.48
C GLY B 198 23.40 19.02 14.83
N GLY B 199 22.31 19.72 14.51
CA GLY B 199 22.38 21.09 13.96
C GLY B 199 22.45 21.18 12.45
N ASN B 200 22.23 20.06 11.73
CA ASN B 200 22.36 20.08 10.27
C ASN B 200 21.28 20.99 9.64
N LEU B 201 21.69 21.91 8.78
CA LEU B 201 20.78 22.93 8.25
C LEU B 201 19.73 22.34 7.30
N ARG B 202 20.05 21.21 6.70
CA ARG B 202 19.15 20.55 5.76
C ARG B 202 18.25 19.51 6.42
N ALA B 203 18.78 18.83 7.42
CA ALA B 203 18.01 17.84 8.17
C ALA B 203 16.89 18.55 8.95
N ALA B 204 17.11 19.81 9.31
CA ALA B 204 16.08 20.66 9.90
C ALA B 204 14.81 20.96 9.06
N ARG B 205 14.74 20.62 7.79
CA ARG B 205 13.70 21.13 6.91
C ARG B 205 12.57 20.16 6.71
N ALA B 206 11.38 20.71 6.46
CA ALA B 206 10.14 19.95 6.25
C ALA B 206 10.32 18.86 5.18
N ALA B 207 10.17 17.60 5.55
CA ALA B 207 10.59 16.50 4.70
C ALA B 207 9.63 16.14 3.58
N ALA B 208 8.33 16.33 3.80
CA ALA B 208 7.37 15.88 2.82
C ALA B 208 6.99 16.98 1.81
N ILE B 209 7.62 18.15 1.86
CA ILE B 209 7.38 19.21 0.91
C ILE B 209 8.69 19.78 0.29
N ASN B 210 9.78 19.04 0.34
CA ASN B 210 11.07 19.49 -0.15
C ASN B 210 11.83 18.36 -0.77
N ILE B 211 12.60 18.70 -1.80
CA ILE B 211 13.76 17.93 -2.21
C ILE B 211 14.90 18.46 -1.31
N ILE B 212 15.55 17.55 -0.59
CA ILE B 212 16.62 17.86 0.36
C ILE B 212 17.88 17.06 0.08
N PRO B 213 18.97 17.74 -0.30
CA PRO B 213 20.26 16.99 -0.47
C PRO B 213 20.76 16.46 0.86
N HIS B 214 21.40 15.29 0.82
CA HIS B 214 21.84 14.60 2.05
C HIS B 214 23.16 13.83 1.77
N SER B 215 24.10 13.95 2.70
CA SER B 215 25.37 13.18 2.67
C SER B 215 25.11 11.72 2.96
N THR B 216 25.83 10.85 2.25
CA THR B 216 25.74 9.40 2.36
C THR B 216 27.16 8.85 2.54
N GLY B 217 27.25 7.63 3.04
CA GLY B 217 28.49 6.92 3.17
C GLY B 217 28.58 5.66 2.33
N ALA B 218 27.50 5.25 1.69
CA ALA B 218 27.46 3.95 1.02
C ALA B 218 28.44 3.77 -0.11
N ALA B 219 28.65 4.78 -0.94
CA ALA B 219 29.65 4.67 -2.02
C ALA B 219 31.11 4.73 -1.49
N LYS B 220 31.41 5.66 -0.59
CA LYS B 220 32.77 5.77 -0.01
C LYS B 220 33.19 4.56 0.81
N ALA B 221 32.21 3.80 1.31
CA ALA B 221 32.45 2.61 2.13
C ALA B 221 32.43 1.30 1.32
N ILE B 222 32.41 1.38 0.00
CA ILE B 222 32.20 0.19 -0.84
C ILE B 222 33.36 -0.79 -0.71
N GLY B 223 34.55 -0.25 -0.47
CA GLY B 223 35.74 -1.02 -0.18
C GLY B 223 35.63 -2.01 0.97
N LEU B 224 34.71 -1.77 1.91
CA LEU B 224 34.49 -2.75 2.97
C LEU B 224 33.83 -4.03 2.42
N VAL B 225 33.06 -3.89 1.35
CA VAL B 225 32.28 -4.99 0.77
C VAL B 225 32.97 -5.58 -0.46
N ILE B 226 33.54 -4.71 -1.29
CA ILE B 226 34.25 -5.12 -2.49
C ILE B 226 35.60 -4.38 -2.39
N PRO B 227 36.61 -5.00 -1.75
CA PRO B 227 37.89 -4.34 -1.49
C PRO B 227 38.57 -3.71 -2.72
N GLU B 228 38.42 -4.32 -3.90
CA GLU B 228 39.09 -3.78 -5.11
C GLU B 228 38.53 -2.44 -5.59
N LEU B 229 37.36 -2.03 -5.07
CA LEU B 229 36.79 -0.72 -5.41
C LEU B 229 36.99 0.32 -4.30
N ASN B 230 37.81 -0.02 -3.30
CA ASN B 230 38.08 0.90 -2.22
C ASN B 230 38.62 2.20 -2.80
N GLY B 231 37.98 3.30 -2.42
CA GLY B 231 38.34 4.62 -2.84
C GLY B 231 37.94 5.02 -4.24
N LYS B 232 37.19 4.19 -4.97
CA LYS B 232 36.85 4.51 -6.38
C LYS B 232 35.45 5.08 -6.57
N LEU B 233 34.62 4.99 -5.55
CA LEU B 233 33.26 5.50 -5.61
C LEU B 233 33.01 6.62 -4.60
N ASN B 234 32.09 7.52 -4.96
CA ASN B 234 31.55 8.48 -4.00
C ASN B 234 30.12 8.76 -4.41
N GLY B 235 29.41 9.51 -3.59
CA GLY B 235 28.02 9.78 -3.90
C GLY B 235 27.33 10.65 -2.88
N HIS B 236 26.03 10.85 -3.09
CA HIS B 236 25.17 11.56 -2.15
C HIS B 236 23.70 11.16 -2.46
N ALA B 237 22.78 11.82 -1.76
CA ALA B 237 21.36 11.53 -1.86
C ALA B 237 20.58 12.79 -2.05
N GLN B 238 19.39 12.63 -2.61
CA GLN B 238 18.37 13.63 -2.63
C GLN B 238 17.16 12.97 -1.94
N ARG B 239 16.79 13.49 -0.78
CA ARG B 239 15.59 13.06 -0.07
C ARG B 239 14.36 13.77 -0.68
N VAL B 240 13.37 12.97 -1.08
CA VAL B 240 12.17 13.48 -1.75
C VAL B 240 10.89 12.99 -1.03
N PRO B 241 9.73 13.60 -1.34
CA PRO B 241 8.51 13.28 -0.60
C PRO B 241 7.76 12.02 -1.01
N VAL B 242 8.39 10.87 -0.85
CA VAL B 242 7.69 9.58 -0.75
C VAL B 242 8.06 8.99 0.60
N PRO B 243 7.14 8.25 1.21
CA PRO B 243 7.40 7.71 2.56
C PRO B 243 8.30 6.47 2.57
N ASP B 244 8.39 5.83 1.41
CA ASP B 244 9.23 4.64 1.25
C ASP B 244 9.40 4.42 -0.25
N GLY B 245 10.48 3.74 -0.62
CA GLY B 245 10.78 3.50 -2.01
C GLY B 245 11.84 4.47 -2.42
N SER B 246 12.94 3.94 -2.95
CA SER B 246 14.12 4.73 -3.34
C SER B 246 14.73 4.19 -4.63
N VAL B 247 15.61 4.99 -5.23
CA VAL B 247 16.31 4.55 -6.44
C VAL B 247 17.76 5.02 -6.40
N THR B 248 18.69 4.15 -6.77
CA THR B 248 20.13 4.48 -6.77
C THR B 248 20.64 4.52 -8.21
N GLU B 249 21.10 5.70 -8.62
CA GLU B 249 21.83 5.88 -9.89
C GLU B 249 23.35 5.86 -9.64
N LEU B 250 24.06 5.14 -10.49
CA LEU B 250 25.50 5.08 -10.50
C LEU B 250 25.98 5.52 -11.87
N VAL B 251 26.85 6.51 -11.93
CA VAL B 251 27.52 6.87 -13.18
C VAL B 251 28.97 6.44 -13.07
N SER B 252 29.40 5.59 -14.01
CA SER B 252 30.71 4.90 -13.97
C SER B 252 31.52 5.13 -15.23
N ILE B 253 32.85 5.09 -15.07
CA ILE B 253 33.79 4.82 -16.13
C ILE B 253 34.15 3.36 -15.96
N LEU B 254 33.88 2.55 -16.98
CA LEU B 254 34.21 1.12 -16.94
C LEU B 254 35.54 0.83 -17.64
N GLY B 255 36.16 -0.28 -17.29
CA GLY B 255 37.45 -0.69 -17.89
C GLY B 255 37.38 -1.22 -19.31
N LYS B 256 36.20 -1.11 -19.94
CA LYS B 256 35.91 -1.70 -21.22
C LYS B 256 34.80 -0.88 -21.90
N ASN B 257 34.77 -0.89 -23.23
CA ASN B 257 33.76 -0.23 -24.03
C ASN B 257 32.51 -1.11 -24.07
N VAL B 258 31.34 -0.50 -23.84
CA VAL B 258 30.09 -1.24 -23.73
C VAL B 258 28.92 -0.57 -24.44
N THR B 259 27.85 -1.34 -24.62
CA THR B 259 26.53 -0.84 -25.02
C THR B 259 25.60 -1.00 -23.82
N ALA B 260 24.50 -0.25 -23.86
CA ALA B 260 23.44 -0.38 -22.89
C ALA B 260 22.88 -1.80 -22.79
N ASP B 261 22.60 -2.42 -23.94
CA ASP B 261 22.13 -3.81 -24.00
C ASP B 261 23.10 -4.79 -23.36
N GLU B 262 24.38 -4.61 -23.66
CA GLU B 262 25.43 -5.43 -23.07
C GLU B 262 25.46 -5.29 -21.55
N VAL B 263 25.38 -4.06 -21.06
CA VAL B 263 25.26 -3.82 -19.62
C VAL B 263 24.04 -4.54 -19.04
N ASN B 264 22.88 -4.38 -19.67
CA ASN B 264 21.64 -4.98 -19.15
C ASN B 264 21.69 -6.53 -19.17
N GLU B 265 22.27 -7.11 -20.22
CA GLU B 265 22.44 -8.57 -20.23
C GLU B 265 23.36 -9.02 -19.10
N ALA B 266 24.39 -8.23 -18.82
CA ALA B 266 25.31 -8.58 -17.76
C ALA B 266 24.61 -8.60 -16.41
N MET B 267 23.74 -7.62 -16.15
CA MET B 267 22.98 -7.60 -14.89
C MET B 267 22.03 -8.80 -14.76
N LYS B 268 21.37 -9.15 -15.88
CA LYS B 268 20.44 -10.29 -15.94
C LYS B 268 21.12 -11.61 -15.52
N LYS B 269 22.41 -11.76 -15.86
CA LYS B 269 23.22 -12.92 -15.46
C LYS B 269 23.40 -13.08 -13.95
N TYR B 270 23.35 -11.98 -13.20
CA TYR B 270 23.47 -12.01 -11.76
C TYR B 270 22.12 -11.96 -11.05
N GLU B 271 21.01 -12.15 -11.77
CA GLU B 271 19.71 -12.13 -11.12
C GLU B 271 19.63 -13.18 -10.01
N SER B 272 19.05 -12.80 -8.88
CA SER B 272 18.89 -13.74 -7.76
C SER B 272 17.81 -13.23 -6.83
N PRO B 273 17.51 -13.98 -5.76
CA PRO B 273 16.60 -13.37 -4.76
C PRO B 273 17.06 -12.01 -4.19
N SER B 274 18.37 -11.78 -4.07
CA SER B 274 18.88 -10.46 -3.60
C SER B 274 18.97 -9.36 -4.65
N PHE B 275 18.98 -9.74 -5.94
CA PHE B 275 19.23 -8.82 -7.04
C PHE B 275 18.23 -9.14 -8.16
N GLU B 276 17.17 -8.35 -8.26
CA GLU B 276 16.10 -8.62 -9.19
C GLU B 276 16.36 -7.82 -10.46
N TYR B 277 15.92 -8.36 -11.60
CA TYR B 277 15.96 -7.67 -12.88
C TYR B 277 14.50 -7.32 -13.22
N GLU B 278 14.18 -6.02 -13.30
CA GLU B 278 12.80 -5.54 -13.43
C GLU B 278 12.60 -4.64 -14.67
N PRO B 279 12.26 -5.24 -15.83
CA PRO B 279 12.07 -4.50 -17.08
C PRO B 279 10.67 -3.94 -17.34
N ASN B 280 9.73 -4.01 -16.40
CA ASN B 280 8.31 -3.72 -16.71
C ASN B 280 7.84 -2.28 -16.53
N ASN B 281 8.76 -1.31 -16.61
CA ASN B 281 8.43 0.11 -16.55
C ASN B 281 7.75 0.52 -15.23
N VAL B 282 8.33 0.12 -14.12
CA VAL B 282 7.77 0.33 -12.80
C VAL B 282 8.08 1.72 -12.26
N VAL B 283 7.34 2.11 -11.23
CA VAL B 283 7.58 3.33 -10.51
C VAL B 283 7.78 2.96 -9.05
N SER B 284 8.06 3.92 -8.20
CA SER B 284 8.45 3.57 -6.81
C SER B 284 7.42 2.78 -6.04
N SER B 285 6.13 3.09 -6.22
CA SER B 285 5.04 2.35 -5.56
C SER B 285 5.05 0.84 -5.80
N ASP B 286 5.40 0.46 -7.01
CA ASP B 286 5.51 -0.94 -7.40
C ASP B 286 6.63 -1.71 -6.70
N ILE B 287 7.58 -0.97 -6.13
CA ILE B 287 8.78 -1.50 -5.48
C ILE B 287 8.53 -1.79 -4.01
N LEU B 288 7.44 -1.26 -3.45
CA LEU B 288 7.15 -1.41 -2.03
C LEU B 288 6.76 -2.84 -1.77
N GLY B 289 7.36 -3.43 -0.75
CA GLY B 289 7.19 -4.84 -0.47
C GLY B 289 8.14 -5.75 -1.22
N ARG B 290 9.01 -5.25 -2.10
CA ARG B 290 9.96 -6.15 -2.79
C ARG B 290 11.00 -6.66 -1.78
N THR B 291 11.42 -7.89 -2.01
CA THR B 291 12.28 -8.63 -1.09
C THR B 291 13.74 -8.65 -1.52
N ALA B 292 14.04 -8.30 -2.76
CA ALA B 292 15.44 -8.16 -3.21
C ALA B 292 16.11 -6.95 -2.52
N GLY B 293 17.41 -7.02 -2.29
CA GLY B 293 18.20 -5.86 -1.88
C GLY B 293 18.30 -4.74 -2.90
N SER B 294 18.26 -5.09 -4.19
CA SER B 294 18.49 -4.16 -5.29
C SER B 294 17.66 -4.69 -6.45
N ILE B 295 16.88 -3.82 -7.07
CA ILE B 295 16.03 -4.16 -8.22
C ILE B 295 16.49 -3.37 -9.43
N PHE B 296 17.29 -4.02 -10.26
CA PHE B 296 17.86 -3.38 -11.42
C PHE B 296 16.80 -3.01 -12.44
N ASP B 297 16.89 -1.80 -12.99
CA ASP B 297 15.93 -1.31 -13.97
C ASP B 297 16.62 -1.11 -15.32
N PRO B 298 16.56 -2.11 -16.23
CA PRO B 298 17.22 -1.93 -17.54
C PRO B 298 16.65 -0.82 -18.43
N THR B 299 15.42 -0.37 -18.18
CA THR B 299 14.83 0.73 -18.95
C THR B 299 15.55 2.06 -18.70
N GLN B 300 16.28 2.19 -17.59
CA GLN B 300 16.97 3.45 -17.30
C GLN B 300 18.47 3.44 -17.63
N THR B 301 18.99 2.32 -18.11
CA THR B 301 20.41 2.20 -18.44
C THR B 301 20.76 3.12 -19.61
N MET B 302 21.81 3.93 -19.46
CA MET B 302 22.29 4.80 -20.57
C MET B 302 23.80 4.76 -20.66
N VAL B 303 24.29 4.64 -21.89
CA VAL B 303 25.71 4.79 -22.20
C VAL B 303 25.86 6.01 -23.07
N THR B 304 26.66 6.97 -22.61
CA THR B 304 26.93 8.18 -23.35
C THR B 304 28.41 8.18 -23.79
N THR B 305 28.62 8.28 -25.09
CA THR B 305 29.93 8.10 -25.72
C THR B 305 30.32 9.33 -26.53
N ALA B 306 31.53 9.83 -26.33
CA ALA B 306 32.06 10.93 -27.13
C ALA B 306 33.55 10.72 -27.34
N GLY B 307 33.96 10.51 -28.59
CA GLY B 307 35.33 10.13 -28.90
C GLY B 307 35.65 8.80 -28.22
N ASP B 308 36.77 8.78 -27.50
CA ASP B 308 37.21 7.60 -26.76
C ASP B 308 36.62 7.54 -25.34
N LYS B 309 35.78 8.51 -24.95
CA LYS B 309 35.22 8.55 -23.59
C LYS B 309 33.76 8.07 -23.51
N GLN B 310 33.48 7.35 -22.43
CA GLN B 310 32.22 6.69 -22.21
C GLN B 310 31.80 6.81 -20.73
N LEU B 311 30.56 7.25 -20.52
CA LEU B 311 29.93 7.26 -19.21
C LEU B 311 28.78 6.28 -19.22
N VAL B 312 28.69 5.44 -18.18
CA VAL B 312 27.65 4.41 -18.05
C VAL B 312 26.79 4.66 -16.80
N LYS B 313 25.50 4.90 -17.02
CA LYS B 313 24.54 5.12 -15.96
C LYS B 313 23.68 3.86 -15.78
N THR B 314 23.72 3.30 -14.57
CA THR B 314 22.94 2.15 -14.18
C THR B 314 22.09 2.48 -12.93
N VAL B 315 20.88 1.95 -12.93
CA VAL B 315 19.89 2.36 -11.98
C VAL B 315 19.22 1.15 -11.33
N ALA B 316 19.18 1.16 -10.00
CA ALA B 316 18.55 0.12 -9.19
C ALA B 316 17.53 0.69 -8.22
N TRP B 317 16.31 0.17 -8.28
CA TRP B 317 15.33 0.49 -7.25
C TRP B 317 15.61 -0.29 -5.98
N TYR B 318 15.07 0.22 -4.86
CA TYR B 318 14.96 -0.55 -3.64
C TYR B 318 13.87 -0.05 -2.69
N ASP B 319 13.29 -0.98 -1.95
CA ASP B 319 12.42 -0.62 -0.82
C ASP B 319 13.38 -0.39 0.31
N ASN B 320 13.75 0.87 0.53
CA ASN B 320 14.81 1.21 1.49
C ASN B 320 14.56 0.62 2.87
N GLU B 321 13.30 0.36 3.21
CA GLU B 321 12.94 -0.42 4.44
C GLU B 321 12.99 -1.94 4.25
N TYR B 322 12.18 -2.47 3.34
CA TYR B 322 11.96 -3.90 3.28
C TYR B 322 13.05 -4.66 2.51
N SER B 323 13.62 -4.05 1.47
CA SER B 323 14.77 -4.64 0.76
C SER B 323 15.92 -4.87 1.74
N PHE B 324 16.21 -3.85 2.53
CA PHE B 324 17.22 -3.88 3.58
C PHE B 324 16.90 -4.94 4.64
N THR B 325 15.67 -4.94 5.14
CA THR B 325 15.23 -5.95 6.05
C THR B 325 15.44 -7.39 5.53
N CYS B 326 15.00 -7.67 4.32
CA CYS B 326 15.07 -9.00 3.76
C CYS B 326 16.53 -9.45 3.52
N GLN B 327 17.38 -8.54 3.09
CA GLN B 327 18.84 -8.77 3.04
C GLN B 327 19.39 -9.19 4.38
N MET B 328 18.97 -8.50 5.43
CA MET B 328 19.42 -8.83 6.77
C MET B 328 18.97 -10.21 7.21
N VAL B 329 17.73 -10.56 6.86
CA VAL B 329 17.16 -11.86 7.21
C VAL B 329 17.92 -12.98 6.49
N ARG B 330 18.23 -12.79 5.20
CA ARG B 330 19.11 -13.74 4.48
C ARG B 330 20.47 -13.90 5.15
N THR B 331 21.04 -12.80 5.66
CA THR B 331 22.31 -12.87 6.41
C THR B 331 22.18 -13.63 7.75
N LEU B 332 21.06 -13.44 8.46
CA LEU B 332 20.80 -14.19 9.70
C LEU B 332 20.71 -15.69 9.41
N LEU B 333 20.08 -16.05 8.27
CA LEU B 333 20.06 -17.45 7.82
C LEU B 333 21.48 -17.94 7.50
N HIS B 334 22.27 -17.12 6.81
CA HIS B 334 23.65 -17.50 6.54
C HIS B 334 24.50 -17.80 7.83
N PHE B 335 24.22 -17.07 8.93
CA PHE B 335 24.89 -17.31 10.23
C PHE B 335 24.79 -18.76 10.71
N ALA B 336 23.67 -19.43 10.41
CA ALA B 336 23.50 -20.84 10.77
C ALA B 336 24.46 -21.79 10.04
N THR B 337 25.01 -21.38 8.90
CA THR B 337 26.04 -22.17 8.21
C THR B 337 27.47 -21.98 8.78
N LEU B 338 27.64 -21.05 9.73
CA LEU B 338 28.91 -20.80 10.34
C LEU B 338 29.05 -21.68 11.58
#